data_2ZWK
#
_entry.id   2ZWK
#
_cell.length_a   96.780
_cell.length_b   96.780
_cell.length_c   644.310
_cell.angle_alpha   90.00
_cell.angle_beta   90.00
_cell.angle_gamma   90.00
#
_symmetry.space_group_name_H-M   'I 41 2 2'
#
loop_
_entity.id
_entity.type
_entity.pdbx_description
1 polymer Intimin
2 polymer 'Putative translocated intimin receptor protein (Translocated intimin receptor Tir)'
#
loop_
_entity_poly.entity_id
_entity_poly.type
_entity_poly.pdbx_seq_one_letter_code
_entity_poly.pdbx_strand_id
1 'polypeptide(L)'
;MFFDELKIDNKVDIIGNNVRGELPNIWLQYGQFKLKASGGDGTYSWYSENTSIATVDASGKVTLNGKGSVVIKATSGDKQ
TVSYTIKAPSYMIKVDKQAYYADAMSICKNLLPSTQTVLSDIYDSWGAANKYSHYSSMNSITAWIKQTSSEQRSGVSSTY
NLITQNPLPGVNVNTPNVYAVCVE
;
A,C,E
2 'polypeptide(L)' MATETATRDQLTKEAFQNPDNQKVNIDELGNAIPSGVLKDDVVANIEEQAKAAGEEAKQQAIENLEHHHHHH B,D,F
#
# COMPACT_ATOMS: atom_id res chain seq x y z
N PHE A 2 10.91 0.36 18.00
CA PHE A 2 12.17 -0.24 18.52
C PHE A 2 11.90 -1.32 19.58
N PHE A 3 10.67 -1.81 19.61
CA PHE A 3 10.28 -2.81 20.58
C PHE A 3 10.89 -4.19 20.46
N ASP A 4 10.80 -4.93 21.57
CA ASP A 4 11.37 -6.27 21.69
C ASP A 4 10.37 -7.43 21.60
N GLU A 5 10.86 -8.61 21.21
CA GLU A 5 9.99 -9.79 21.10
C GLU A 5 9.15 -9.81 22.36
N LEU A 6 7.93 -10.32 22.32
CA LEU A 6 7.14 -10.37 23.55
C LEU A 6 7.34 -11.75 24.13
N LYS A 7 6.86 -12.00 25.35
CA LYS A 7 7.02 -13.33 25.93
C LYS A 7 6.62 -13.44 27.40
N ILE A 8 5.83 -14.47 27.68
CA ILE A 8 5.34 -14.75 29.01
C ILE A 8 6.32 -15.70 29.68
N ASP A 9 6.93 -15.22 30.75
CA ASP A 9 7.92 -16.00 31.51
C ASP A 9 7.35 -17.34 31.93
N ASN A 10 8.12 -18.40 31.69
CA ASN A 10 7.72 -19.77 32.03
C ASN A 10 7.36 -19.96 33.50
N LYS A 11 8.38 -19.87 34.36
CA LYS A 11 8.17 -19.99 35.79
C LYS A 11 7.01 -19.07 36.19
N VAL A 12 6.22 -19.50 37.17
CA VAL A 12 5.09 -18.72 37.64
C VAL A 12 5.24 -18.32 39.10
N ASP A 13 4.62 -17.20 39.47
CA ASP A 13 4.68 -16.71 40.84
C ASP A 13 3.55 -17.32 41.63
N ILE A 14 3.83 -17.79 42.84
CA ILE A 14 2.78 -18.41 43.65
C ILE A 14 2.24 -17.51 44.75
N ILE A 15 1.20 -16.76 44.44
CA ILE A 15 0.60 -15.86 45.42
C ILE A 15 0.70 -16.39 46.83
N GLY A 16 0.30 -17.65 47.03
CA GLY A 16 0.30 -18.28 48.34
C GLY A 16 1.57 -18.54 49.13
N ASN A 17 2.75 -18.29 48.57
CA ASN A 17 3.97 -18.56 49.32
C ASN A 17 5.27 -18.04 48.71
N ASN A 18 5.19 -16.88 48.03
CA ASN A 18 6.34 -16.25 47.40
C ASN A 18 7.40 -17.22 46.84
N VAL A 19 6.96 -18.42 46.48
CA VAL A 19 7.85 -19.42 45.92
C VAL A 19 7.66 -19.47 44.40
N ARG A 20 8.70 -19.03 43.68
CA ARG A 20 8.70 -18.98 42.22
C ARG A 20 9.11 -20.32 41.59
N GLY A 21 8.29 -20.80 40.68
CA GLY A 21 8.55 -22.06 40.01
C GLY A 21 7.49 -22.29 38.95
N GLU A 22 7.23 -23.55 38.59
CA GLU A 22 6.22 -23.83 37.57
C GLU A 22 4.95 -24.40 38.14
N LEU A 23 3.82 -24.21 37.45
CA LEU A 23 2.54 -24.70 37.93
C LEU A 23 2.61 -26.14 38.39
N PRO A 24 2.01 -26.40 39.55
CA PRO A 24 1.98 -27.73 40.17
C PRO A 24 1.01 -28.73 39.51
N ASN A 25 1.37 -30.01 39.58
CA ASN A 25 0.59 -31.10 39.02
C ASN A 25 -0.80 -31.20 39.66
N ILE A 26 -0.89 -30.78 40.91
CA ILE A 26 -2.09 -30.81 41.74
C ILE A 26 -2.63 -29.40 42.02
N TRP A 27 -3.93 -29.22 42.14
CA TRP A 27 -4.40 -27.86 42.37
C TRP A 27 -5.35 -27.62 43.53
N LEU A 28 -5.21 -26.45 44.14
CA LEU A 28 -6.12 -26.04 45.20
C LEU A 28 -7.08 -25.10 44.45
N GLN A 29 -8.31 -25.53 44.20
CA GLN A 29 -9.22 -24.64 43.49
C GLN A 29 -9.11 -23.21 44.00
N TYR A 30 -9.27 -22.27 43.07
CA TYR A 30 -9.17 -20.84 43.32
C TYR A 30 -7.79 -20.47 43.83
N GLY A 31 -6.80 -21.32 43.54
CA GLY A 31 -5.43 -21.04 43.92
C GLY A 31 -4.99 -19.86 43.07
N GLN A 32 -3.82 -19.27 43.31
CA GLN A 32 -3.43 -18.11 42.52
C GLN A 32 -1.95 -17.90 42.21
N PHE A 33 -1.65 -17.81 40.92
CA PHE A 33 -0.29 -17.60 40.49
C PHE A 33 -0.24 -16.41 39.52
N LYS A 34 0.81 -15.60 39.59
CA LYS A 34 0.93 -14.43 38.73
C LYS A 34 1.94 -14.62 37.61
N LEU A 35 1.52 -14.33 36.38
CA LEU A 35 2.36 -14.45 35.19
C LEU A 35 3.16 -13.17 34.87
N LYS A 36 4.34 -13.38 34.27
CA LYS A 36 5.27 -12.32 33.90
C LYS A 36 5.51 -12.16 32.40
N ALA A 37 5.33 -10.95 31.91
CA ALA A 37 5.53 -10.63 30.50
C ALA A 37 6.79 -9.80 30.31
N SER A 38 7.31 -9.76 29.10
CA SER A 38 8.53 -8.99 28.83
C SER A 38 8.79 -8.66 27.36
N GLY A 39 9.25 -7.43 27.12
CA GLY A 39 9.53 -6.98 25.77
C GLY A 39 8.27 -6.43 25.11
N GLY A 40 8.45 -5.78 23.96
CA GLY A 40 7.30 -5.22 23.27
C GLY A 40 6.62 -4.18 24.13
N ASP A 41 6.12 -3.12 23.50
CA ASP A 41 5.45 -2.04 24.20
C ASP A 41 6.01 -1.97 25.62
N GLY A 42 5.14 -1.80 26.61
CA GLY A 42 5.57 -1.74 28.00
C GLY A 42 4.40 -2.15 28.86
N THR A 43 3.21 -1.95 28.29
CA THR A 43 1.95 -2.31 28.93
C THR A 43 1.81 -3.80 28.65
N TYR A 44 0.73 -4.40 29.13
CA TYR A 44 0.48 -5.81 28.93
C TYR A 44 -0.97 -6.06 29.25
N SER A 45 -1.63 -6.86 28.44
CA SER A 45 -3.02 -7.17 28.69
C SER A 45 -3.21 -8.68 28.75
N TRP A 46 -3.72 -9.17 29.85
CA TRP A 46 -3.94 -10.60 29.98
C TRP A 46 -5.40 -10.97 29.81
N TYR A 47 -5.60 -12.17 29.30
CA TYR A 47 -6.93 -12.69 29.06
C TYR A 47 -6.81 -14.21 29.05
N SER A 48 -7.91 -14.89 29.34
CA SER A 48 -7.90 -16.35 29.38
C SER A 48 -8.84 -16.93 28.38
N GLU A 49 -8.31 -17.88 27.60
CA GLU A 49 -9.06 -18.59 26.60
C GLU A 49 -10.42 -18.99 27.23
N ASN A 50 -10.38 -19.89 28.21
CA ASN A 50 -11.58 -20.37 28.90
C ASN A 50 -11.76 -19.81 30.30
N THR A 51 -12.84 -19.06 30.50
CA THR A 51 -13.12 -18.43 31.79
C THR A 51 -13.44 -19.37 32.94
N SER A 52 -14.22 -20.40 32.67
CA SER A 52 -14.59 -21.34 33.72
C SER A 52 -13.32 -21.85 34.40
N ILE A 53 -12.53 -22.60 33.65
CA ILE A 53 -11.29 -23.14 34.14
C ILE A 53 -10.35 -22.10 34.76
N ALA A 54 -10.34 -20.88 34.25
CA ALA A 54 -9.43 -19.95 34.87
C ALA A 54 -9.71 -18.47 34.62
N THR A 55 -8.96 -17.62 35.30
CA THR A 55 -9.14 -16.19 35.18
C THR A 55 -7.88 -15.42 35.57
N VAL A 56 -7.82 -14.16 35.16
CA VAL A 56 -6.68 -13.34 35.50
C VAL A 56 -6.97 -11.85 35.40
N ASP A 57 -6.50 -11.11 36.38
CA ASP A 57 -6.71 -9.68 36.43
C ASP A 57 -5.57 -8.95 35.76
N ALA A 58 -5.81 -7.67 35.49
CA ALA A 58 -4.83 -6.82 34.84
C ALA A 58 -3.58 -6.73 35.70
N SER A 59 -2.77 -7.78 35.70
CA SER A 59 -1.54 -7.79 36.48
C SER A 59 -0.87 -9.15 36.40
N GLY A 60 -1.64 -10.14 35.97
CA GLY A 60 -1.07 -11.48 35.86
C GLY A 60 -1.52 -12.43 36.95
N LYS A 61 -2.16 -11.90 37.99
CA LYS A 61 -2.62 -12.76 39.08
C LYS A 61 -3.66 -13.70 38.51
N VAL A 62 -3.42 -14.98 38.68
CA VAL A 62 -4.33 -15.99 38.16
C VAL A 62 -5.11 -16.73 39.23
N THR A 63 -6.32 -17.11 38.88
CA THR A 63 -7.20 -17.83 39.78
C THR A 63 -7.72 -19.01 38.97
N LEU A 64 -7.46 -20.22 39.45
CA LEU A 64 -7.94 -21.38 38.74
C LEU A 64 -9.28 -21.60 39.35
N ASN A 65 -10.30 -21.81 38.52
CA ASN A 65 -11.65 -21.97 39.02
C ASN A 65 -12.31 -23.25 38.55
N GLY A 66 -11.55 -24.11 37.90
CA GLY A 66 -12.11 -25.35 37.42
C GLY A 66 -11.02 -26.29 36.97
N LYS A 67 -11.41 -27.52 36.69
CA LYS A 67 -10.46 -28.52 36.24
C LYS A 67 -10.48 -28.62 34.72
N GLY A 68 -9.28 -28.69 34.13
CA GLY A 68 -9.14 -28.79 32.69
C GLY A 68 -7.89 -28.04 32.29
N SER A 69 -7.72 -27.79 30.99
CA SER A 69 -6.56 -27.05 30.50
C SER A 69 -7.06 -25.76 29.91
N VAL A 70 -6.18 -24.78 29.76
CA VAL A 70 -6.62 -23.49 29.26
C VAL A 70 -5.44 -22.64 28.89
N VAL A 71 -5.65 -21.57 28.13
CA VAL A 71 -4.54 -20.70 27.84
C VAL A 71 -4.77 -19.23 28.09
N ILE A 72 -3.70 -18.63 28.55
CA ILE A 72 -3.69 -17.26 28.91
C ILE A 72 -2.98 -16.51 27.78
N LYS A 73 -3.62 -15.44 27.32
CA LYS A 73 -3.08 -14.61 26.25
C LYS A 73 -2.62 -13.29 26.83
N ALA A 74 -1.37 -12.95 26.60
CA ALA A 74 -0.80 -11.70 27.07
C ALA A 74 -0.54 -10.88 25.82
N THR A 75 -1.20 -9.72 25.76
CA THR A 75 -1.07 -8.82 24.61
C THR A 75 -0.44 -7.52 25.06
N SER A 76 0.63 -7.12 24.40
CA SER A 76 1.29 -5.88 24.75
C SER A 76 0.63 -4.72 24.01
N GLY A 77 0.67 -3.52 24.60
CA GLY A 77 0.07 -2.34 24.02
C GLY A 77 0.45 -2.07 22.57
N ASP A 78 1.51 -2.72 22.11
CA ASP A 78 1.95 -2.58 20.74
C ASP A 78 1.54 -3.85 19.99
N LYS A 79 0.26 -4.17 20.09
CA LYS A 79 -0.35 -5.33 19.43
C LYS A 79 0.53 -6.58 19.29
N GLN A 80 1.24 -6.96 20.35
CA GLN A 80 2.08 -8.16 20.31
C GLN A 80 1.47 -9.12 21.34
N THR A 81 0.94 -10.25 20.85
CA THR A 81 0.28 -11.23 21.74
C THR A 81 0.75 -12.68 21.78
N VAL A 82 0.86 -13.25 22.98
CA VAL A 82 1.27 -14.64 23.13
C VAL A 82 0.45 -15.41 24.17
N SER A 83 0.54 -16.74 24.11
CA SER A 83 -0.18 -17.61 25.03
C SER A 83 0.69 -18.49 25.93
N TYR A 84 0.15 -18.70 27.13
CA TYR A 84 0.74 -19.49 28.20
C TYR A 84 -0.31 -20.54 28.45
N THR A 85 0.07 -21.80 28.35
CA THR A 85 -0.85 -22.90 28.52
C THR A 85 -0.92 -23.45 29.93
N ILE A 86 -2.14 -23.59 30.45
CA ILE A 86 -2.34 -24.14 31.78
C ILE A 86 -2.93 -25.51 31.54
N LYS A 87 -2.12 -26.54 31.76
CA LYS A 87 -2.59 -27.90 31.54
C LYS A 87 -3.18 -28.57 32.78
N ALA A 88 -4.30 -29.27 32.56
CA ALA A 88 -5.04 -29.97 33.59
C ALA A 88 -4.16 -30.73 34.58
N PRO A 89 -4.64 -30.85 35.82
CA PRO A 89 -3.94 -31.54 36.90
C PRO A 89 -4.51 -32.94 37.09
N SER A 90 -3.88 -33.73 37.96
CA SER A 90 -4.36 -35.08 38.23
C SER A 90 -5.73 -34.86 38.81
N TYR A 91 -5.72 -34.18 39.96
CA TYR A 91 -6.90 -33.86 40.72
C TYR A 91 -6.84 -32.42 41.18
N MET A 92 -8.01 -31.83 41.44
CA MET A 92 -8.05 -30.48 41.91
C MET A 92 -9.05 -30.42 43.06
N ILE A 93 -8.49 -30.18 44.24
CA ILE A 93 -9.25 -30.08 45.49
C ILE A 93 -10.26 -28.95 45.43
N LYS A 94 -11.50 -29.25 45.80
CA LYS A 94 -12.55 -28.24 45.81
C LYS A 94 -13.24 -28.30 47.17
N VAL A 95 -13.55 -27.14 47.74
CA VAL A 95 -14.20 -27.13 49.06
C VAL A 95 -15.70 -26.92 49.03
N ASP A 96 -16.44 -27.95 49.43
CA ASP A 96 -17.89 -27.85 49.47
C ASP A 96 -18.27 -27.38 50.88
N LYS A 97 -19.53 -27.57 51.29
CA LYS A 97 -19.95 -27.13 52.62
C LYS A 97 -19.50 -28.08 53.75
N GLN A 98 -19.39 -27.55 54.96
CA GLN A 98 -18.97 -28.33 56.12
C GLN A 98 -20.09 -29.27 56.57
N ALA A 99 -19.74 -30.49 56.97
CA ALA A 99 -20.75 -31.46 57.40
C ALA A 99 -20.16 -32.78 57.90
N TYR A 100 -20.96 -33.54 58.64
CA TYR A 100 -20.50 -34.82 59.20
C TYR A 100 -19.96 -35.72 58.12
N TYR A 101 -18.91 -36.45 58.46
CA TYR A 101 -18.28 -37.36 57.50
C TYR A 101 -19.31 -38.14 56.72
N ALA A 102 -20.33 -38.61 57.41
CA ALA A 102 -21.38 -39.39 56.77
C ALA A 102 -21.82 -38.75 55.46
N ASP A 103 -22.19 -37.47 55.54
CA ASP A 103 -22.64 -36.73 54.38
C ASP A 103 -21.47 -36.10 53.64
N ALA A 104 -20.33 -35.98 54.30
CA ALA A 104 -19.17 -35.42 53.62
C ALA A 104 -18.98 -36.34 52.41
N MET A 105 -18.83 -37.62 52.71
CA MET A 105 -18.67 -38.66 51.72
C MET A 105 -19.83 -38.62 50.76
N SER A 106 -20.95 -38.05 51.20
CA SER A 106 -22.13 -37.97 50.33
C SER A 106 -21.99 -36.75 49.45
N ILE A 107 -21.86 -35.58 50.08
CA ILE A 107 -21.70 -34.33 49.37
C ILE A 107 -20.73 -34.54 48.22
N CYS A 108 -19.52 -34.92 48.58
CA CYS A 108 -18.46 -35.16 47.63
C CYS A 108 -18.60 -36.51 46.91
N LYS A 109 -19.82 -36.84 46.49
CA LYS A 109 -20.12 -38.08 45.77
C LYS A 109 -19.02 -39.14 45.83
N ASN A 110 -18.81 -39.70 47.01
CA ASN A 110 -17.80 -40.74 47.21
C ASN A 110 -16.37 -40.26 47.05
N LEU A 111 -16.17 -39.05 46.53
CA LEU A 111 -14.83 -38.48 46.31
C LEU A 111 -14.27 -37.61 47.43
N LEU A 112 -13.73 -38.25 48.46
CA LEU A 112 -13.12 -37.52 49.55
C LEU A 112 -11.65 -37.81 49.44
N PRO A 113 -10.81 -36.99 50.08
CA PRO A 113 -9.39 -37.29 49.96
C PRO A 113 -9.21 -38.75 50.39
N SER A 114 -8.46 -39.52 49.61
CA SER A 114 -8.24 -40.94 49.90
C SER A 114 -7.27 -41.17 51.04
N THR A 115 -6.52 -40.14 51.41
CA THR A 115 -5.53 -40.24 52.48
C THR A 115 -4.94 -38.89 52.82
N GLN A 116 -4.30 -38.79 53.98
CA GLN A 116 -3.68 -37.54 54.39
C GLN A 116 -2.61 -37.17 53.38
N THR A 117 -1.95 -38.17 52.82
CA THR A 117 -0.90 -37.94 51.85
C THR A 117 -1.36 -37.10 50.64
N VAL A 118 -2.58 -36.57 50.69
CA VAL A 118 -3.11 -35.75 49.58
C VAL A 118 -3.04 -34.27 49.91
N LEU A 119 -4.01 -33.78 50.67
CA LEU A 119 -4.04 -32.37 51.02
C LEU A 119 -2.66 -31.87 51.44
N SER A 120 -1.89 -32.72 52.11
CA SER A 120 -0.55 -32.34 52.53
C SER A 120 0.20 -31.76 51.33
N ASP A 121 0.10 -32.44 50.20
CA ASP A 121 0.76 -31.99 48.98
C ASP A 121 0.26 -30.63 48.60
N ILE A 122 -1.06 -30.50 48.46
CA ILE A 122 -1.63 -29.21 48.12
C ILE A 122 -0.96 -28.17 49.01
N TYR A 123 -0.90 -28.40 50.33
CA TYR A 123 -0.28 -27.40 51.18
C TYR A 123 1.17 -27.20 50.83
N ASP A 124 1.95 -28.28 50.92
CA ASP A 124 3.37 -28.22 50.61
C ASP A 124 3.61 -27.38 49.35
N SER A 125 2.70 -27.51 48.38
CA SER A 125 2.77 -26.81 47.10
C SER A 125 2.25 -25.36 47.09
N TRP A 126 0.93 -25.23 47.18
CA TRP A 126 0.29 -23.92 47.19
C TRP A 126 0.31 -23.17 48.52
N GLY A 127 0.42 -23.88 49.64
CA GLY A 127 0.48 -23.20 50.93
C GLY A 127 -0.83 -23.11 51.71
N ALA A 128 -0.94 -22.07 52.53
CA ALA A 128 -2.13 -21.86 53.35
C ALA A 128 -3.32 -21.35 52.57
N ALA A 129 -4.37 -22.15 52.45
CA ALA A 129 -5.55 -21.73 51.71
C ALA A 129 -5.99 -20.25 51.91
N ASN A 130 -5.94 -19.74 53.13
CA ASN A 130 -6.39 -18.39 53.39
C ASN A 130 -5.53 -17.31 52.74
N LYS A 131 -4.47 -17.72 52.07
CA LYS A 131 -3.61 -16.74 51.42
C LYS A 131 -4.35 -16.18 50.21
N TYR A 132 -5.10 -17.03 49.53
CA TYR A 132 -5.84 -16.65 48.35
C TYR A 132 -7.11 -15.85 48.57
N SER A 133 -7.45 -15.05 47.58
CA SER A 133 -8.63 -14.19 47.64
C SER A 133 -9.88 -14.90 48.15
N HIS A 134 -10.32 -15.93 47.45
CA HIS A 134 -11.53 -16.68 47.81
C HIS A 134 -11.61 -17.08 49.29
N TYR A 135 -10.45 -17.22 49.92
CA TYR A 135 -10.37 -17.61 51.32
C TYR A 135 -9.95 -16.42 52.16
N SER A 136 -8.70 -16.37 52.58
CA SER A 136 -8.17 -15.26 53.39
C SER A 136 -9.04 -14.81 54.56
N SER A 137 -10.27 -14.41 54.26
CA SER A 137 -11.21 -13.97 55.28
C SER A 137 -11.56 -15.18 56.15
N MET A 138 -10.75 -16.23 56.06
CA MET A 138 -10.97 -17.43 56.84
C MET A 138 -9.70 -17.84 57.57
N ASN A 139 -9.89 -18.32 58.79
CA ASN A 139 -8.78 -18.73 59.64
C ASN A 139 -8.77 -20.26 59.84
N SER A 140 -9.85 -20.92 59.43
CA SER A 140 -9.94 -22.37 59.58
C SER A 140 -10.64 -23.13 58.46
N ILE A 141 -10.03 -24.24 58.08
CA ILE A 141 -10.56 -25.13 57.07
C ILE A 141 -10.03 -26.49 57.46
N THR A 142 -10.90 -27.32 58.02
CA THR A 142 -10.50 -28.65 58.45
C THR A 142 -11.19 -29.70 57.57
N ALA A 143 -10.39 -30.58 56.98
CA ALA A 143 -10.91 -31.56 56.05
C ALA A 143 -11.10 -33.02 56.43
N TRP A 144 -12.09 -33.63 55.78
CA TRP A 144 -12.44 -35.01 55.98
C TRP A 144 -11.48 -35.91 55.20
N ILE A 145 -11.18 -37.10 55.71
CA ILE A 145 -10.26 -37.95 54.98
C ILE A 145 -10.66 -39.40 54.78
N LYS A 146 -11.94 -39.68 54.57
CA LYS A 146 -12.37 -41.06 54.33
C LYS A 146 -11.75 -42.03 55.34
N GLN A 147 -12.53 -42.39 56.34
CA GLN A 147 -12.10 -43.30 57.40
C GLN A 147 -11.68 -44.69 56.92
N THR A 148 -10.60 -45.21 57.49
CA THR A 148 -10.11 -46.55 57.15
C THR A 148 -10.93 -47.51 58.01
N SER A 149 -11.32 -48.66 57.44
CA SER A 149 -12.12 -49.64 58.18
C SER A 149 -11.75 -49.62 59.66
N SER A 150 -10.45 -49.57 59.93
CA SER A 150 -9.93 -49.53 61.30
C SER A 150 -10.68 -48.46 62.09
N GLU A 151 -10.40 -47.21 61.77
CA GLU A 151 -11.05 -46.08 62.43
C GLU A 151 -12.51 -45.98 62.00
N GLN A 152 -12.95 -46.94 61.21
CA GLN A 152 -14.33 -46.97 60.77
C GLN A 152 -15.08 -47.52 61.95
N ARG A 153 -14.55 -48.62 62.49
CA ARG A 153 -15.13 -49.32 63.63
C ARG A 153 -15.33 -48.41 64.82
N SER A 154 -14.37 -47.53 65.09
CA SER A 154 -14.50 -46.61 66.21
C SER A 154 -15.41 -45.46 65.84
N GLY A 155 -16.01 -45.54 64.65
CA GLY A 155 -16.91 -44.51 64.19
C GLY A 155 -16.24 -43.15 64.11
N VAL A 156 -15.09 -43.08 63.45
CA VAL A 156 -14.37 -41.82 63.32
C VAL A 156 -13.47 -41.79 62.08
N SER A 157 -12.72 -40.69 61.94
CA SER A 157 -11.76 -40.49 60.86
C SER A 157 -10.84 -39.36 61.26
N SER A 158 -9.86 -39.06 60.42
CA SER A 158 -8.89 -37.99 60.70
C SER A 158 -9.08 -36.75 59.83
N THR A 159 -8.30 -35.71 60.10
CA THR A 159 -8.43 -34.49 59.32
C THR A 159 -7.13 -33.75 59.07
N TYR A 160 -7.26 -32.69 58.25
CA TYR A 160 -6.18 -31.80 57.87
C TYR A 160 -6.81 -30.43 57.71
N ASN A 161 -6.12 -29.40 58.18
CA ASN A 161 -6.65 -28.05 58.06
C ASN A 161 -5.81 -27.42 56.98
N LEU A 162 -6.45 -27.12 55.87
CA LEU A 162 -5.75 -26.52 54.75
C LEU A 162 -5.07 -25.23 55.18
N ILE A 163 -5.81 -24.34 55.82
CA ILE A 163 -5.25 -23.09 56.28
C ILE A 163 -4.17 -23.26 57.34
N THR A 164 -4.02 -24.47 57.91
CA THR A 164 -3.03 -24.66 58.98
C THR A 164 -2.34 -26.01 59.10
N GLN A 165 -2.68 -26.95 58.22
CA GLN A 165 -2.11 -28.28 58.30
C GLN A 165 -2.82 -28.96 59.45
N ASN A 166 -2.20 -28.86 60.63
CA ASN A 166 -2.76 -29.41 61.87
C ASN A 166 -3.51 -30.75 61.71
N PRO A 167 -2.78 -31.87 61.66
CA PRO A 167 -3.42 -33.18 61.51
C PRO A 167 -4.06 -33.67 62.80
N LEU A 168 -5.32 -34.06 62.71
CA LEU A 168 -6.02 -34.57 63.88
C LEU A 168 -6.51 -35.97 63.56
N PRO A 169 -6.08 -36.94 64.38
CA PRO A 169 -6.45 -38.35 64.23
C PRO A 169 -7.71 -38.61 65.05
N GLY A 170 -8.39 -39.72 64.78
CA GLY A 170 -9.59 -40.06 65.52
C GLY A 170 -10.51 -38.89 65.84
N VAL A 171 -11.35 -38.53 64.88
CA VAL A 171 -12.29 -37.43 65.06
C VAL A 171 -13.72 -37.94 64.99
N ASN A 172 -14.58 -37.32 65.78
CA ASN A 172 -15.99 -37.70 65.80
C ASN A 172 -16.55 -37.54 64.39
N VAL A 173 -16.93 -38.65 63.78
CA VAL A 173 -17.48 -38.60 62.43
C VAL A 173 -18.81 -37.88 62.46
N ASN A 174 -18.93 -36.94 63.39
CA ASN A 174 -20.15 -36.18 63.54
C ASN A 174 -19.86 -34.85 64.24
N THR A 175 -18.61 -34.40 64.17
CA THR A 175 -18.23 -33.14 64.79
C THR A 175 -18.61 -32.01 63.86
N PRO A 176 -19.08 -30.89 64.41
CA PRO A 176 -19.43 -29.80 63.50
C PRO A 176 -18.11 -29.09 63.17
N ASN A 177 -18.16 -28.08 62.32
CA ASN A 177 -16.96 -27.34 61.94
C ASN A 177 -15.96 -28.16 61.14
N VAL A 178 -16.43 -28.90 60.14
CA VAL A 178 -15.51 -29.65 59.31
C VAL A 178 -16.03 -29.58 57.90
N TYR A 179 -15.20 -29.03 57.02
CA TYR A 179 -15.57 -28.86 55.63
C TYR A 179 -15.47 -30.16 54.87
N ALA A 180 -16.37 -30.33 53.91
CA ALA A 180 -16.39 -31.53 53.09
C ALA A 180 -15.61 -31.35 51.80
N VAL A 181 -14.30 -31.50 51.87
CA VAL A 181 -13.49 -31.32 50.68
C VAL A 181 -13.56 -32.49 49.70
N CYS A 182 -14.00 -32.17 48.48
CA CYS A 182 -14.15 -33.11 47.39
C CYS A 182 -12.85 -33.21 46.61
N VAL A 183 -12.76 -34.17 45.71
CA VAL A 183 -11.56 -34.32 44.88
C VAL A 183 -11.89 -34.66 43.43
N GLU A 184 -11.71 -33.67 42.56
CA GLU A 184 -11.95 -33.87 41.13
C GLU A 184 -10.67 -34.26 40.43
N ALA B 2 -29.98 -55.57 86.70
CA ALA B 2 -28.94 -56.55 87.14
C ALA B 2 -27.70 -55.93 87.83
N THR B 3 -26.64 -56.72 87.82
CA THR B 3 -25.36 -56.33 88.38
C THR B 3 -24.60 -55.58 87.29
N GLU B 4 -24.75 -56.07 86.07
CA GLU B 4 -24.12 -55.48 84.89
C GLU B 4 -24.40 -54.00 84.82
N THR B 5 -25.61 -53.61 85.20
CA THR B 5 -25.97 -52.21 85.18
C THR B 5 -24.80 -51.36 85.60
N ALA B 6 -24.26 -51.63 86.79
CA ALA B 6 -23.15 -50.84 87.31
C ALA B 6 -21.80 -51.13 86.66
N THR B 7 -21.48 -52.40 86.41
CA THR B 7 -20.21 -52.74 85.73
C THR B 7 -20.10 -51.88 84.47
N ARG B 8 -21.26 -51.44 83.99
CA ARG B 8 -21.36 -50.59 82.82
C ARG B 8 -20.77 -49.25 83.23
N ASP B 9 -21.52 -48.54 84.06
CA ASP B 9 -21.19 -47.21 84.57
C ASP B 9 -19.78 -47.04 85.15
N GLN B 10 -19.14 -48.10 85.58
CA GLN B 10 -17.80 -47.92 86.12
C GLN B 10 -16.75 -48.02 85.03
N LEU B 11 -16.98 -48.89 84.05
CA LEU B 11 -16.02 -49.00 82.97
C LEU B 11 -16.23 -47.83 82.00
N THR B 12 -17.47 -47.38 81.86
CA THR B 12 -17.74 -46.26 80.99
C THR B 12 -16.95 -45.10 81.56
N LYS B 13 -16.95 -44.97 82.88
CA LYS B 13 -16.22 -43.88 83.47
C LYS B 13 -14.72 -44.17 83.48
N GLU B 14 -14.37 -45.43 83.73
CA GLU B 14 -12.96 -45.79 83.75
C GLU B 14 -12.34 -45.51 82.37
N ALA B 15 -13.19 -45.46 81.35
CA ALA B 15 -12.74 -45.22 79.97
C ALA B 15 -12.38 -43.77 79.73
N PHE B 16 -13.15 -42.86 80.30
CA PHE B 16 -12.86 -41.45 80.11
C PHE B 16 -11.69 -41.03 80.99
N GLN B 17 -10.76 -41.95 81.22
CA GLN B 17 -9.58 -41.63 82.00
C GLN B 17 -8.48 -41.62 80.96
N ASN B 18 -8.68 -42.41 79.91
CA ASN B 18 -7.72 -42.52 78.83
C ASN B 18 -8.30 -41.86 77.59
N PRO B 19 -7.70 -40.76 77.14
CA PRO B 19 -8.14 -40.01 75.98
C PRO B 19 -8.38 -40.84 74.72
N ASP B 20 -7.41 -41.70 74.39
CA ASP B 20 -7.50 -42.54 73.19
C ASP B 20 -8.76 -43.40 73.07
N ASN B 21 -9.73 -43.15 73.93
CA ASN B 21 -11.00 -43.87 73.90
C ASN B 21 -12.07 -42.84 73.56
N GLN B 22 -11.73 -41.58 73.76
CA GLN B 22 -12.67 -40.53 73.49
C GLN B 22 -12.60 -40.10 72.03
N LYS B 23 -13.76 -39.74 71.49
CA LYS B 23 -13.82 -39.26 70.12
C LYS B 23 -13.40 -37.83 70.22
N VAL B 24 -13.00 -37.23 69.10
CA VAL B 24 -12.59 -35.85 69.15
C VAL B 24 -13.50 -34.95 68.32
N ASN B 25 -13.66 -33.71 68.78
CA ASN B 25 -14.47 -32.77 68.08
C ASN B 25 -13.67 -31.53 67.75
N ILE B 26 -14.11 -30.82 66.71
CA ILE B 26 -13.40 -29.63 66.25
C ILE B 26 -14.15 -28.30 66.42
N ASP B 27 -13.42 -27.31 66.92
CA ASP B 27 -13.95 -25.97 67.19
C ASP B 27 -13.78 -25.01 66.03
N GLU B 28 -14.16 -23.76 66.27
CA GLU B 28 -14.06 -22.71 65.26
C GLU B 28 -12.76 -22.73 64.48
N LEU B 29 -11.63 -22.89 65.15
CA LEU B 29 -10.34 -22.87 64.44
C LEU B 29 -9.48 -24.14 64.37
N GLY B 30 -10.05 -25.20 63.80
CA GLY B 30 -9.33 -26.45 63.62
C GLY B 30 -8.66 -27.02 64.86
N ASN B 31 -9.13 -26.60 66.03
CA ASN B 31 -8.58 -27.09 67.28
C ASN B 31 -9.36 -28.29 67.82
N ALA B 32 -8.62 -29.26 68.36
CA ALA B 32 -9.22 -30.46 68.91
C ALA B 32 -9.77 -30.17 70.30
N ILE B 33 -10.89 -30.79 70.65
CA ILE B 33 -11.48 -30.60 71.97
C ILE B 33 -12.32 -31.81 72.36
N PRO B 34 -12.44 -32.07 73.69
CA PRO B 34 -13.22 -33.19 74.21
C PRO B 34 -14.61 -33.26 73.59
N SER B 35 -14.84 -34.28 72.79
CA SER B 35 -16.13 -34.48 72.12
C SER B 35 -17.21 -34.77 73.14
N GLY B 36 -16.93 -35.73 74.01
CA GLY B 36 -17.88 -36.13 75.04
C GLY B 36 -18.43 -37.51 74.70
N VAL B 37 -17.64 -38.27 73.94
CA VAL B 37 -18.06 -39.60 73.51
C VAL B 37 -16.94 -40.61 73.38
N LEU B 38 -17.29 -41.87 73.56
CA LEU B 38 -16.32 -42.95 73.45
C LEU B 38 -16.40 -43.57 72.05
N LYS B 39 -15.25 -44.01 71.55
CA LYS B 39 -15.21 -44.63 70.23
C LYS B 39 -16.09 -45.87 70.25
N ASP B 40 -17.03 -45.91 69.30
CA ASP B 40 -17.97 -47.02 69.14
C ASP B 40 -17.44 -48.39 69.59
N ASP B 41 -16.22 -48.74 69.21
CA ASP B 41 -15.68 -50.04 69.56
C ASP B 41 -15.36 -50.23 71.03
N VAL B 42 -14.91 -49.18 71.71
CA VAL B 42 -14.57 -49.30 73.12
C VAL B 42 -15.86 -49.45 73.92
N VAL B 43 -16.85 -48.61 73.61
CA VAL B 43 -18.14 -48.67 74.26
C VAL B 43 -18.68 -50.04 73.93
N ALA B 44 -18.48 -50.43 72.67
CA ALA B 44 -18.94 -51.72 72.21
C ALA B 44 -18.43 -52.79 73.14
N ASN B 45 -17.11 -52.81 73.37
CA ASN B 45 -16.53 -53.82 74.26
C ASN B 45 -17.13 -53.71 75.65
N ILE B 46 -17.08 -52.52 76.25
CA ILE B 46 -17.64 -52.37 77.59
C ILE B 46 -19.01 -53.03 77.67
N GLU B 47 -19.98 -52.59 76.86
CA GLU B 47 -21.32 -53.22 76.88
C GLU B 47 -21.15 -54.73 76.86
N GLU B 48 -20.35 -55.23 75.91
CA GLU B 48 -20.05 -56.64 75.76
C GLU B 48 -19.51 -57.25 77.06
N GLN B 49 -18.92 -56.43 77.93
CA GLN B 49 -18.37 -56.91 79.20
C GLN B 49 -19.43 -57.00 80.28
N ALA B 50 -20.02 -55.87 80.65
CA ALA B 50 -21.06 -55.86 81.68
C ALA B 50 -22.04 -57.03 81.50
N LYS B 51 -22.45 -57.30 80.25
CA LYS B 51 -23.37 -58.41 80.01
C LYS B 51 -22.74 -59.67 80.60
N ALA B 52 -21.53 -59.99 80.15
CA ALA B 52 -20.80 -61.16 80.62
C ALA B 52 -20.66 -61.20 82.14
N ALA B 53 -20.31 -60.06 82.73
CA ALA B 53 -20.17 -59.95 84.17
C ALA B 53 -21.52 -60.22 84.81
N GLY B 54 -22.59 -60.02 84.05
CA GLY B 54 -23.92 -60.29 84.56
C GLY B 54 -24.11 -61.79 84.53
N GLU B 55 -23.66 -62.40 83.44
CA GLU B 55 -23.74 -63.85 83.28
C GLU B 55 -22.65 -64.46 84.15
N GLU B 56 -22.32 -63.74 85.22
CA GLU B 56 -21.32 -64.15 86.18
C GLU B 56 -22.01 -64.26 87.53
N ALA B 57 -22.45 -63.12 88.07
CA ALA B 57 -23.13 -63.06 89.35
C ALA B 57 -24.55 -63.62 89.22
N LYS B 58 -24.70 -64.61 88.33
CA LYS B 58 -25.97 -65.26 88.07
C LYS B 58 -25.63 -66.72 87.87
N GLN B 59 -24.70 -66.97 86.95
CA GLN B 59 -24.25 -68.33 86.66
C GLN B 59 -23.45 -68.74 87.89
N GLN B 60 -23.42 -67.85 88.88
CA GLN B 60 -22.70 -68.07 90.12
C GLN B 60 -23.54 -67.69 91.33
N ALA B 61 -24.37 -66.66 91.20
CA ALA B 61 -25.25 -66.26 92.29
C ALA B 61 -26.07 -67.48 92.65
N ILE B 62 -26.05 -68.46 91.74
CA ILE B 62 -26.76 -69.72 91.90
C ILE B 62 -25.93 -70.73 92.68
N GLU B 63 -25.54 -70.33 93.89
CA GLU B 63 -24.83 -71.22 94.78
C GLU B 63 -25.93 -71.56 95.76
N ASN B 64 -26.87 -72.33 95.23
CA ASN B 64 -28.05 -72.81 95.92
C ASN B 64 -28.97 -71.64 96.26
N PHE C 2 53.78 76.78 -78.70
CA PHE C 2 53.14 75.68 -79.49
C PHE C 2 52.10 74.92 -78.65
N PHE C 3 52.41 74.67 -77.38
CA PHE C 3 51.47 73.96 -76.51
C PHE C 3 50.56 74.91 -75.74
N ASP C 4 49.36 74.45 -75.40
CA ASP C 4 48.42 75.25 -74.61
C ASP C 4 48.17 74.54 -73.29
N GLU C 5 47.99 75.33 -72.23
CA GLU C 5 47.81 74.79 -70.90
C GLU C 5 47.02 73.52 -70.78
N LEU C 6 47.48 72.68 -69.87
CA LEU C 6 46.89 71.38 -69.59
C LEU C 6 45.60 71.50 -68.80
N LYS C 7 44.80 70.45 -68.79
CA LYS C 7 43.55 70.50 -68.06
C LYS C 7 42.85 69.15 -68.10
N ILE C 8 41.95 68.92 -67.14
CA ILE C 8 41.18 67.70 -67.06
C ILE C 8 39.71 68.06 -67.09
N ASP C 9 39.06 67.77 -68.22
CA ASP C 9 37.64 68.05 -68.39
C ASP C 9 36.86 67.74 -67.12
N ASN C 10 36.17 68.74 -66.58
CA ASN C 10 35.38 68.60 -65.36
C ASN C 10 34.47 67.36 -65.32
N LYS C 11 33.48 67.33 -66.19
CA LYS C 11 32.53 66.20 -66.29
C LYS C 11 33.28 64.89 -66.55
N VAL C 12 33.00 63.86 -65.76
CA VAL C 12 33.70 62.59 -65.94
C VAL C 12 32.87 61.52 -66.61
N ASP C 13 33.56 60.47 -67.03
CA ASP C 13 32.95 59.34 -67.71
C ASP C 13 32.83 58.21 -66.68
N ILE C 14 31.79 57.40 -66.76
CA ILE C 14 31.60 56.28 -65.83
C ILE C 14 31.69 54.99 -66.60
N ILE C 15 32.60 54.11 -66.19
CA ILE C 15 32.80 52.84 -66.87
C ILE C 15 31.58 51.93 -67.04
N GLY C 16 30.77 51.79 -66.00
CA GLY C 16 29.60 50.91 -66.07
C GLY C 16 28.37 51.31 -66.86
N ASN C 17 27.68 52.36 -66.39
CA ASN C 17 26.46 52.85 -67.04
C ASN C 17 26.67 53.45 -68.43
N ASN C 18 27.94 53.58 -68.82
CA ASN C 18 28.29 54.13 -70.12
C ASN C 18 27.64 55.48 -70.37
N VAL C 19 27.75 56.39 -69.40
CA VAL C 19 27.19 57.72 -69.54
C VAL C 19 28.13 58.73 -68.88
N ARG C 20 28.45 59.80 -69.61
CA ARG C 20 29.33 60.85 -69.12
C ARG C 20 28.56 61.83 -68.24
N GLY C 21 29.25 62.45 -67.28
CA GLY C 21 28.59 63.40 -66.40
C GLY C 21 29.39 63.67 -65.15
N GLU C 22 28.79 64.36 -64.17
CA GLU C 22 29.46 64.68 -62.91
C GLU C 22 29.64 63.47 -62.00
N LEU C 23 30.47 63.62 -60.98
CA LEU C 23 30.72 62.52 -60.06
C LEU C 23 29.63 62.41 -59.01
N PRO C 24 28.91 61.26 -58.98
CA PRO C 24 27.82 61.00 -58.04
C PRO C 24 28.17 61.32 -56.59
N ASN C 25 27.19 61.78 -55.81
CA ASN C 25 27.43 62.14 -54.43
C ASN C 25 27.56 60.92 -53.54
N ILE C 26 27.17 59.76 -54.06
CA ILE C 26 27.25 58.49 -53.33
C ILE C 26 27.83 57.43 -54.26
N TRP C 27 28.88 56.76 -53.83
CA TRP C 27 29.47 55.76 -54.71
C TRP C 27 29.50 54.31 -54.23
N LEU C 28 29.82 53.44 -55.17
CA LEU C 28 29.95 52.01 -54.94
C LEU C 28 31.45 51.72 -54.78
N GLN C 29 31.89 51.49 -53.52
CA GLN C 29 33.30 51.20 -53.24
C GLN C 29 33.94 50.29 -54.31
N TYR C 30 35.01 50.79 -54.92
CA TYR C 30 35.77 50.13 -55.99
C TYR C 30 35.13 50.39 -57.37
N GLY C 31 34.35 51.47 -57.44
CA GLY C 31 33.70 51.89 -58.68
C GLY C 31 34.66 52.72 -59.52
N GLN C 32 34.58 52.59 -60.84
CA GLN C 32 35.48 53.29 -61.74
C GLN C 32 34.93 54.31 -62.75
N PHE C 33 35.62 55.45 -62.83
CA PHE C 33 35.29 56.53 -63.76
C PHE C 33 36.53 56.96 -64.56
N LYS C 34 36.31 57.65 -65.68
CA LYS C 34 37.38 58.08 -66.58
C LYS C 34 37.58 59.60 -66.68
N LEU C 35 38.84 60.03 -66.54
CA LEU C 35 39.20 61.45 -66.62
C LEU C 35 39.77 61.80 -67.99
N LYS C 36 39.30 62.93 -68.54
CA LYS C 36 39.72 63.43 -69.83
C LYS C 36 40.58 64.67 -69.66
N ALA C 37 41.89 64.49 -69.85
CA ALA C 37 42.85 65.58 -69.72
C ALA C 37 43.18 66.12 -71.11
N SER C 38 43.20 67.44 -71.24
CA SER C 38 43.50 68.07 -72.51
C SER C 38 44.61 69.08 -72.42
N GLY C 39 45.06 69.57 -73.58
CA GLY C 39 46.14 70.52 -73.61
C GLY C 39 47.45 69.78 -73.67
N GLY C 40 48.33 70.04 -72.70
CA GLY C 40 49.62 69.37 -72.65
C GLY C 40 50.30 69.17 -73.99
N ASP C 41 51.29 68.30 -74.01
CA ASP C 41 52.03 68.00 -75.22
C ASP C 41 51.55 66.70 -75.86
N GLY C 42 50.70 65.96 -75.14
CA GLY C 42 50.16 64.69 -75.62
C GLY C 42 50.22 63.62 -74.54
N THR C 43 51.43 63.24 -74.15
CA THR C 43 51.65 62.25 -73.10
C THR C 43 51.15 62.81 -71.79
N TYR C 44 50.24 62.10 -71.12
CA TYR C 44 49.71 62.55 -69.83
C TYR C 44 50.03 61.55 -68.73
N SER C 45 50.07 62.01 -67.50
CA SER C 45 50.37 61.14 -66.37
C SER C 45 49.28 61.27 -65.31
N TRP C 46 49.05 60.21 -64.54
CA TRP C 46 48.03 60.26 -63.50
C TRP C 46 48.47 59.55 -62.23
N TYR C 47 48.00 60.05 -61.09
CA TYR C 47 48.27 59.44 -59.80
C TYR C 47 47.39 60.08 -58.74
N SER C 48 47.17 59.35 -57.65
CA SER C 48 46.33 59.82 -56.56
C SER C 48 47.16 60.32 -55.40
N GLU C 49 46.80 61.52 -54.94
CA GLU C 49 47.45 62.16 -53.82
C GLU C 49 47.21 61.27 -52.61
N ASN C 50 46.22 60.37 -52.75
CA ASN C 50 45.87 59.45 -51.68
C ASN C 50 45.60 58.04 -52.19
N THR C 51 46.65 57.21 -52.21
CA THR C 51 46.59 55.84 -52.67
C THR C 51 45.34 55.07 -52.25
N SER C 52 45.00 55.20 -50.98
CA SER C 52 43.85 54.49 -50.41
C SER C 52 42.47 54.88 -50.93
N ILE C 53 42.14 56.16 -50.83
CA ILE C 53 40.84 56.66 -51.27
C ILE C 53 40.60 56.52 -52.79
N ALA C 54 41.64 56.34 -53.56
CA ALA C 54 41.44 56.20 -54.99
C ALA C 54 42.69 55.65 -55.66
N THR C 55 42.59 55.40 -56.95
CA THR C 55 43.72 54.87 -57.69
C THR C 55 43.46 55.06 -59.16
N VAL C 56 44.52 55.07 -59.96
CA VAL C 56 44.31 55.29 -61.38
C VAL C 56 45.39 54.74 -62.30
N ASP C 57 44.96 54.25 -63.45
CA ASP C 57 45.86 53.67 -64.42
C ASP C 57 46.21 54.66 -65.51
N ALA C 58 47.40 54.49 -66.09
CA ALA C 58 47.89 55.37 -67.15
C ALA C 58 46.95 55.32 -68.35
N SER C 59 45.75 55.87 -68.17
CA SER C 59 44.74 55.94 -69.22
C SER C 59 43.57 56.78 -68.70
N GLY C 60 43.62 57.12 -67.42
CA GLY C 60 42.58 57.94 -66.84
C GLY C 60 41.43 57.19 -66.22
N LYS C 61 41.64 55.91 -65.92
CA LYS C 61 40.58 55.12 -65.30
C LYS C 61 40.83 55.10 -63.81
N VAL C 62 39.84 55.53 -63.04
CA VAL C 62 39.98 55.57 -61.59
C VAL C 62 39.03 54.67 -60.81
N THR C 63 39.58 54.06 -59.78
CA THR C 63 38.86 53.16 -58.90
C THR C 63 38.84 53.86 -57.54
N LEU C 64 37.68 53.83 -56.87
CA LEU C 64 37.54 54.44 -55.55
C LEU C 64 37.73 53.30 -54.55
N ASN C 65 38.54 53.52 -53.54
CA ASN C 65 38.77 52.44 -52.58
C ASN C 65 38.51 52.80 -51.13
N GLY C 66 37.85 53.94 -50.91
CA GLY C 66 37.56 54.35 -49.53
C GLY C 66 36.78 55.64 -49.40
N LYS C 67 36.20 55.85 -48.22
CA LYS C 67 35.43 57.07 -47.97
C LYS C 67 36.32 58.23 -47.54
N GLY C 68 36.34 59.25 -48.40
CA GLY C 68 37.12 60.45 -48.16
C GLY C 68 37.12 61.29 -49.41
N SER C 69 37.95 62.32 -49.41
CA SER C 69 38.08 63.20 -50.57
C SER C 69 39.54 63.05 -50.96
N VAL C 70 39.84 63.10 -52.25
CA VAL C 70 41.21 62.94 -52.68
C VAL C 70 41.52 63.81 -53.88
N VAL C 71 42.78 64.22 -53.98
CA VAL C 71 43.23 65.05 -55.09
C VAL C 71 44.04 64.15 -56.01
N ILE C 72 43.57 63.99 -57.25
CA ILE C 72 44.26 63.16 -58.23
C ILE C 72 44.84 64.07 -59.31
N LYS C 73 46.15 63.92 -59.57
CA LYS C 73 46.86 64.77 -60.53
C LYS C 73 47.17 64.19 -61.91
N ALA C 74 47.41 65.10 -62.83
CA ALA C 74 47.74 64.77 -64.20
C ALA C 74 48.94 65.62 -64.64
N THR C 75 50.00 64.96 -65.12
CA THR C 75 51.20 65.65 -65.59
C THR C 75 51.35 65.33 -67.07
N SER C 76 52.14 66.13 -67.78
CA SER C 76 52.30 65.94 -69.21
C SER C 76 53.75 66.01 -69.71
N GLY C 77 53.96 65.61 -70.96
CA GLY C 77 55.29 65.64 -71.53
C GLY C 77 55.91 67.00 -71.28
N ASP C 78 55.19 68.06 -71.61
CA ASP C 78 55.64 69.42 -71.37
C ASP C 78 55.38 69.66 -69.89
N LYS C 79 56.19 69.03 -69.04
CA LYS C 79 56.04 69.10 -67.58
C LYS C 79 54.97 70.05 -67.06
N GLN C 80 53.71 69.71 -67.34
CA GLN C 80 52.55 70.49 -66.89
C GLN C 80 51.70 69.57 -65.99
N THR C 81 51.34 70.04 -64.80
CA THR C 81 50.55 69.22 -63.88
C THR C 81 49.30 69.92 -63.34
N VAL C 82 48.14 69.30 -63.52
CA VAL C 82 46.89 69.87 -63.03
C VAL C 82 46.05 68.85 -62.23
N SER C 83 45.83 69.16 -60.95
CA SER C 83 45.11 68.33 -60.00
C SER C 83 43.58 68.34 -60.05
N TYR C 84 43.01 67.13 -60.01
CA TYR C 84 41.55 66.95 -60.00
C TYR C 84 41.17 66.48 -58.59
N THR C 85 40.02 66.92 -58.11
CA THR C 85 39.60 66.53 -56.78
C THR C 85 38.35 65.66 -56.77
N ILE C 86 38.33 64.76 -55.79
CA ILE C 86 37.23 63.84 -55.60
C ILE C 86 36.54 64.23 -54.29
N LYS C 87 35.37 64.85 -54.39
CA LYS C 87 34.65 65.25 -53.20
C LYS C 87 34.12 63.97 -52.52
N ALA C 88 34.23 63.90 -51.20
CA ALA C 88 33.76 62.74 -50.47
C ALA C 88 32.30 62.46 -50.81
N PRO C 89 31.82 61.25 -50.48
CA PRO C 89 30.44 60.91 -50.79
C PRO C 89 29.54 60.98 -49.55
N SER C 90 28.22 61.01 -49.76
CA SER C 90 27.28 61.01 -48.64
C SER C 90 27.64 59.74 -47.87
N TYR C 91 27.59 58.62 -48.58
CA TYR C 91 27.88 57.31 -48.03
C TYR C 91 28.45 56.42 -49.13
N MET C 92 29.28 55.45 -48.74
CA MET C 92 29.87 54.53 -49.69
C MET C 92 29.51 53.09 -49.35
N ILE C 93 29.10 52.35 -50.36
CA ILE C 93 28.73 50.96 -50.16
C ILE C 93 29.93 50.04 -50.13
N LYS C 94 30.10 49.34 -49.02
CA LYS C 94 31.21 48.39 -48.88
C LYS C 94 30.59 46.99 -48.87
N VAL C 95 31.13 46.09 -49.70
CA VAL C 95 30.62 44.73 -49.82
C VAL C 95 31.43 43.63 -49.12
N ASP C 96 30.94 43.20 -47.95
CA ASP C 96 31.58 42.14 -47.18
C ASP C 96 31.20 40.79 -47.74
N LYS C 97 31.21 39.77 -46.89
CA LYS C 97 30.86 38.41 -47.30
C LYS C 97 29.44 38.07 -46.86
N GLN C 98 28.97 36.88 -47.23
CA GLN C 98 27.63 36.46 -46.85
C GLN C 98 27.50 36.13 -45.37
N ALA C 99 26.29 36.28 -44.86
CA ALA C 99 25.98 36.01 -43.46
C ALA C 99 24.51 36.34 -43.24
N TYR C 100 23.74 35.30 -42.90
CA TYR C 100 22.31 35.44 -42.67
C TYR C 100 22.07 36.81 -42.03
N TYR C 101 21.01 37.48 -42.47
CA TYR C 101 20.68 38.80 -41.97
C TYR C 101 21.21 39.05 -40.57
N ALA C 102 20.96 38.12 -39.65
CA ALA C 102 21.43 38.27 -38.28
C ALA C 102 22.89 38.72 -38.21
N ASP C 103 23.80 37.88 -38.72
CA ASP C 103 25.22 38.16 -38.72
C ASP C 103 25.56 39.41 -39.54
N ALA C 104 25.00 39.46 -40.74
CA ALA C 104 25.24 40.58 -41.63
C ALA C 104 25.08 41.89 -40.87
N MET C 105 23.89 42.10 -40.30
CA MET C 105 23.58 43.31 -39.54
C MET C 105 24.48 43.42 -38.34
N SER C 106 25.45 42.51 -38.24
CA SER C 106 26.41 42.50 -37.15
C SER C 106 27.80 42.75 -37.72
N ILE C 107 28.05 42.20 -38.92
CA ILE C 107 29.31 42.38 -39.62
C ILE C 107 29.36 43.86 -39.91
N CYS C 108 28.30 44.34 -40.54
CA CYS C 108 28.17 45.75 -40.86
C CYS C 108 27.87 46.52 -39.59
N LYS C 109 28.54 46.12 -38.51
CA LYS C 109 28.40 46.74 -37.19
C LYS C 109 27.09 47.53 -37.05
N ASN C 110 25.99 46.80 -37.06
CA ASN C 110 24.64 47.37 -36.89
C ASN C 110 24.26 48.44 -37.92
N LEU C 111 24.90 48.44 -39.08
CA LEU C 111 24.59 49.42 -40.12
C LEU C 111 24.61 48.85 -41.53
N LEU C 112 23.41 48.55 -42.04
CA LEU C 112 23.22 48.03 -43.38
C LEU C 112 22.31 49.04 -44.06
N PRO C 113 21.92 48.80 -45.32
CA PRO C 113 21.05 49.78 -45.97
C PRO C 113 19.68 49.88 -45.29
N SER C 114 19.44 51.02 -44.67
CA SER C 114 18.20 51.32 -43.95
C SER C 114 16.94 51.21 -44.79
N THR C 115 17.11 51.13 -46.11
CA THR C 115 15.99 51.03 -47.02
C THR C 115 16.42 50.53 -48.39
N GLN C 116 15.47 50.05 -49.17
CA GLN C 116 15.81 49.56 -50.50
C GLN C 116 16.19 50.72 -51.40
N THR C 117 15.74 51.93 -51.08
CA THR C 117 16.06 53.09 -51.91
C THR C 117 17.58 53.20 -52.09
N VAL C 118 18.32 53.01 -51.00
CA VAL C 118 19.78 53.10 -51.02
C VAL C 118 20.45 52.46 -52.24
N LEU C 119 20.52 51.13 -52.25
CA LEU C 119 21.14 50.39 -53.35
C LEU C 119 20.47 50.68 -54.71
N SER C 120 19.19 51.02 -54.69
CA SER C 120 18.48 51.30 -55.93
C SER C 120 19.13 52.47 -56.67
N ASP C 121 19.49 53.51 -55.92
CA ASP C 121 20.13 54.69 -56.49
C ASP C 121 21.51 54.30 -56.97
N ILE C 122 22.32 53.83 -56.02
CA ILE C 122 23.67 53.38 -56.30
C ILE C 122 23.72 52.64 -57.63
N TYR C 123 22.64 51.96 -57.99
CA TYR C 123 22.61 51.22 -59.25
C TYR C 123 22.31 52.14 -60.42
N ASP C 124 21.21 52.87 -60.29
CA ASP C 124 20.79 53.80 -61.34
C ASP C 124 21.91 54.78 -61.64
N SER C 125 22.89 54.85 -60.75
CA SER C 125 24.01 55.77 -60.90
C SER C 125 25.23 55.19 -61.61
N TRP C 126 25.57 53.95 -61.29
CA TRP C 126 26.73 53.27 -61.90
C TRP C 126 26.30 52.08 -62.74
N GLY C 127 25.54 51.16 -62.13
CA GLY C 127 25.07 50.00 -62.85
C GLY C 127 25.47 48.65 -62.27
N ALA C 128 25.46 47.65 -63.12
CA ALA C 128 25.80 46.30 -62.72
C ALA C 128 27.24 46.26 -62.22
N ALA C 129 27.41 46.23 -60.91
CA ALA C 129 28.72 46.18 -60.29
C ALA C 129 29.68 45.19 -60.94
N ASN C 130 29.16 44.24 -61.73
CA ASN C 130 30.04 43.27 -62.38
C ASN C 130 30.74 43.92 -63.57
N LYS C 131 30.58 45.24 -63.66
CA LYS C 131 31.19 46.06 -64.72
C LYS C 131 32.54 46.64 -64.32
N TYR C 132 32.93 46.41 -63.06
CA TYR C 132 34.20 46.93 -62.54
C TYR C 132 35.18 45.80 -62.27
N SER C 133 36.46 46.04 -62.54
CA SER C 133 37.49 45.02 -62.34
C SER C 133 37.40 44.30 -60.99
N HIS C 134 37.11 45.04 -59.93
CA HIS C 134 37.03 44.46 -58.58
C HIS C 134 35.97 43.37 -58.49
N TYR C 135 35.00 43.40 -59.39
CA TYR C 135 33.92 42.41 -59.42
C TYR C 135 34.03 41.67 -60.74
N SER C 136 33.45 42.24 -61.80
CA SER C 136 33.52 41.64 -63.13
C SER C 136 32.98 40.21 -63.18
N SER C 137 33.87 39.26 -62.92
CA SER C 137 33.49 37.85 -62.92
C SER C 137 32.64 37.56 -61.68
N MET C 138 31.39 38.02 -61.73
CA MET C 138 30.40 37.85 -60.66
C MET C 138 29.05 38.05 -61.35
N ASN C 139 28.26 36.99 -61.42
CA ASN C 139 26.95 37.05 -62.08
C ASN C 139 25.84 37.62 -61.21
N SER C 140 26.05 37.59 -59.89
CA SER C 140 25.05 38.11 -58.96
C SER C 140 25.57 38.44 -57.56
N ILE C 141 25.11 39.58 -57.05
CA ILE C 141 25.47 40.07 -55.72
C ILE C 141 24.20 40.57 -55.04
N THR C 142 23.56 39.69 -54.29
CA THR C 142 22.33 40.03 -53.59
C THR C 142 22.70 40.43 -52.16
N ALA C 143 22.14 41.55 -51.68
CA ALA C 143 22.45 42.05 -50.34
C ALA C 143 21.27 42.32 -49.41
N TRP C 144 21.59 42.37 -48.11
CA TRP C 144 20.62 42.58 -47.03
C TRP C 144 20.11 44.00 -46.88
N ILE C 145 18.80 44.12 -46.66
CA ILE C 145 18.14 45.42 -46.55
C ILE C 145 17.53 45.77 -45.19
N LYS C 146 18.01 45.18 -44.10
CA LYS C 146 17.49 45.48 -42.77
C LYS C 146 15.95 45.44 -42.67
N GLN C 147 15.43 44.50 -41.87
CA GLN C 147 13.99 44.32 -41.67
C GLN C 147 13.34 45.54 -41.01
N THR C 148 12.05 45.41 -40.66
CA THR C 148 11.31 46.46 -39.97
C THR C 148 10.44 45.79 -38.92
N SER C 149 9.62 46.59 -38.23
CA SER C 149 8.72 46.03 -37.22
C SER C 149 8.01 44.82 -37.82
N SER C 150 7.47 45.01 -39.02
CA SER C 150 6.75 43.97 -39.74
C SER C 150 7.66 42.81 -40.13
N GLU C 151 8.43 43.01 -41.20
CA GLU C 151 9.36 42.01 -41.70
C GLU C 151 10.02 41.27 -40.56
N GLN C 152 10.16 41.96 -39.43
CA GLN C 152 10.77 41.36 -38.25
C GLN C 152 9.94 40.14 -37.87
N ARG C 153 8.63 40.36 -37.73
CA ARG C 153 7.69 39.29 -37.35
C ARG C 153 7.92 38.02 -38.15
N SER C 154 7.55 38.06 -39.43
CA SER C 154 7.66 36.93 -40.34
C SER C 154 9.03 36.26 -40.32
N GLY C 155 9.98 36.88 -39.62
CA GLY C 155 11.32 36.32 -39.54
C GLY C 155 11.93 36.32 -40.93
N VAL C 156 11.58 37.33 -41.72
CA VAL C 156 12.10 37.47 -43.08
C VAL C 156 12.15 38.93 -43.51
N SER C 157 13.13 39.25 -44.37
CA SER C 157 13.29 40.60 -44.89
C SER C 157 13.46 40.57 -46.39
N SER C 158 13.22 41.71 -47.03
CA SER C 158 13.35 41.84 -48.47
C SER C 158 14.78 42.23 -48.83
N THR C 159 15.16 42.02 -50.08
CA THR C 159 16.52 42.37 -50.50
C THR C 159 16.62 42.95 -51.89
N TYR C 160 17.86 43.24 -52.28
CA TYR C 160 18.19 43.79 -53.59
C TYR C 160 19.50 43.16 -54.03
N ASN C 161 19.72 43.17 -55.33
CA ASN C 161 20.95 42.64 -55.89
C ASN C 161 21.51 43.79 -56.70
N LEU C 162 22.83 43.96 -56.61
CA LEU C 162 23.49 45.03 -57.30
C LEU C 162 23.70 44.70 -58.77
N ILE C 163 24.32 43.55 -59.03
CA ILE C 163 24.57 43.14 -60.40
C ILE C 163 23.27 42.91 -61.16
N THR C 164 22.13 42.90 -60.47
CA THR C 164 20.86 42.63 -61.14
C THR C 164 19.62 43.38 -60.67
N GLN C 165 19.68 43.93 -59.46
CA GLN C 165 18.52 44.60 -58.88
C GLN C 165 17.67 43.44 -58.42
N ASN C 166 16.54 43.22 -59.08
CA ASN C 166 15.70 42.09 -58.72
C ASN C 166 15.30 42.14 -57.24
N PRO C 167 14.54 43.18 -56.85
CA PRO C 167 14.09 43.37 -55.45
C PRO C 167 13.21 42.22 -54.98
N LEU C 168 13.78 41.30 -54.21
CA LEU C 168 13.03 40.16 -53.71
C LEU C 168 12.46 40.40 -52.32
N PRO C 169 11.11 40.42 -52.22
CA PRO C 169 10.36 40.64 -50.97
C PRO C 169 10.27 39.39 -50.10
N GLY C 170 10.11 39.61 -48.80
CA GLY C 170 10.00 38.50 -47.86
C GLY C 170 10.95 37.36 -48.19
N VAL C 171 12.12 37.38 -47.55
CA VAL C 171 13.12 36.34 -47.79
C VAL C 171 13.66 35.76 -46.50
N ASN C 172 13.78 34.44 -46.49
CA ASN C 172 14.29 33.70 -45.35
C ASN C 172 15.51 34.37 -44.73
N VAL C 173 15.34 34.94 -43.52
CA VAL C 173 16.45 35.61 -42.85
C VAL C 173 17.51 34.62 -42.42
N ASN C 174 17.80 33.66 -43.27
CA ASN C 174 18.81 32.66 -42.95
C ASN C 174 19.18 31.97 -44.24
N THR C 175 18.84 32.59 -45.36
CA THR C 175 19.14 32.04 -46.67
C THR C 175 20.58 32.32 -47.03
N PRO C 176 21.28 31.32 -47.58
CA PRO C 176 22.68 31.53 -47.96
C PRO C 176 22.69 32.28 -49.29
N ASN C 177 23.85 32.81 -49.66
CA ASN C 177 24.01 33.56 -50.91
C ASN C 177 23.53 35.00 -50.84
N VAL C 178 23.89 35.69 -49.77
CA VAL C 178 23.50 37.08 -49.62
C VAL C 178 24.60 37.74 -48.80
N TYR C 179 25.28 38.72 -49.38
CA TYR C 179 26.38 39.40 -48.69
C TYR C 179 25.90 40.57 -47.82
N ALA C 180 26.69 40.91 -46.82
CA ALA C 180 26.38 42.00 -45.90
C ALA C 180 26.98 43.35 -46.32
N VAL C 181 26.28 44.07 -47.20
CA VAL C 181 26.76 45.37 -47.64
C VAL C 181 26.60 46.42 -46.56
N CYS C 182 27.71 47.03 -46.19
CA CYS C 182 27.71 48.05 -45.15
C CYS C 182 27.59 49.45 -45.75
N VAL C 183 26.73 50.28 -45.18
CA VAL C 183 26.56 51.63 -45.67
C VAL C 183 27.32 52.59 -44.78
N GLU C 184 28.59 52.84 -45.12
CA GLU C 184 29.42 53.76 -44.34
C GLU C 184 29.49 55.13 -45.05
N ALA D 2 -2.58 14.46 -28.67
CA ALA D 2 -4.01 14.89 -28.66
C ALA D 2 -4.61 14.96 -30.08
N THR D 3 -5.65 15.76 -30.20
CA THR D 3 -6.31 16.00 -31.48
C THR D 3 -5.47 17.13 -32.04
N GLU D 4 -4.90 17.88 -31.11
CA GLU D 4 -4.01 19.01 -31.37
C GLU D 4 -3.15 18.67 -32.56
N THR D 5 -2.45 17.55 -32.47
CA THR D 5 -1.56 17.04 -33.52
C THR D 5 -2.16 17.20 -34.91
N ALA D 6 -2.65 16.08 -35.44
CA ALA D 6 -3.26 15.98 -36.77
C ALA D 6 -3.72 17.30 -37.41
N THR D 7 -4.25 18.22 -36.61
CA THR D 7 -4.68 19.52 -37.13
C THR D 7 -3.47 20.28 -37.61
N ARG D 8 -2.55 20.56 -36.69
CA ARG D 8 -1.33 21.28 -37.04
C ARG D 8 -0.91 20.79 -38.41
N ASP D 9 -0.46 19.53 -38.45
CA ASP D 9 -0.02 18.88 -39.68
C ASP D 9 -0.84 19.18 -40.94
N GLN D 10 -2.09 19.58 -40.77
CA GLN D 10 -2.92 19.89 -41.92
C GLN D 10 -2.86 21.38 -42.24
N LEU D 11 -3.00 22.24 -41.22
CA LEU D 11 -2.93 23.68 -41.45
C LEU D 11 -1.51 24.03 -41.94
N THR D 12 -0.50 23.40 -41.32
CA THR D 12 0.89 23.62 -41.73
C THR D 12 1.06 22.92 -43.06
N LYS D 13 -0.06 22.78 -43.77
CA LYS D 13 -0.07 22.16 -45.07
C LYS D 13 -1.01 22.97 -45.94
N GLU D 14 -2.03 23.55 -45.31
CA GLU D 14 -3.00 24.38 -46.02
C GLU D 14 -2.27 25.69 -46.32
N ALA D 15 -1.20 25.90 -45.57
CA ALA D 15 -0.37 27.10 -45.71
C ALA D 15 0.45 26.99 -46.98
N PHE D 16 1.23 25.91 -47.08
CA PHE D 16 2.08 25.67 -48.23
C PHE D 16 1.38 25.62 -49.57
N GLN D 17 0.28 26.36 -49.72
CA GLN D 17 -0.45 26.42 -50.99
C GLN D 17 -0.39 27.86 -51.46
N ASN D 18 -0.63 28.77 -50.52
CA ASN D 18 -0.61 30.20 -50.80
C ASN D 18 0.83 30.66 -50.56
N PRO D 19 1.60 30.90 -51.66
CA PRO D 19 2.99 31.32 -51.65
C PRO D 19 3.49 32.14 -50.45
N ASP D 20 2.83 33.26 -50.18
CA ASP D 20 3.19 34.15 -49.09
C ASP D 20 3.69 33.46 -47.83
N ASN D 21 2.89 32.57 -47.26
CA ASN D 21 3.28 31.86 -46.04
C ASN D 21 4.74 31.45 -46.07
N GLN D 22 5.19 31.01 -47.24
CA GLN D 22 6.55 30.54 -47.43
C GLN D 22 7.67 31.58 -47.37
N LYS D 23 8.74 31.23 -46.66
CA LYS D 23 9.90 32.10 -46.57
C LYS D 23 10.54 31.91 -47.93
N VAL D 24 11.31 32.88 -48.38
CA VAL D 24 11.96 32.74 -49.68
C VAL D 24 13.47 32.63 -49.54
N ASN D 25 14.08 31.86 -50.45
CA ASN D 25 15.51 31.67 -50.43
C ASN D 25 16.16 32.03 -51.75
N ILE D 26 17.46 32.37 -51.67
CA ILE D 26 18.24 32.79 -52.82
C ILE D 26 19.36 31.83 -53.23
N ASP D 27 19.30 31.38 -54.49
CA ASP D 27 20.30 30.45 -55.01
C ASP D 27 21.65 31.13 -55.29
N GLU D 28 22.49 30.45 -56.06
CA GLU D 28 23.81 30.97 -56.38
C GLU D 28 23.81 32.12 -57.39
N LEU D 29 22.75 32.92 -57.40
CA LEU D 29 22.70 34.04 -58.34
C LEU D 29 21.51 34.98 -58.22
N GLY D 30 21.28 35.49 -57.00
CA GLY D 30 20.19 36.43 -56.77
C GLY D 30 18.77 36.00 -57.14
N ASN D 31 18.58 34.71 -57.44
CA ASN D 31 17.26 34.21 -57.80
C ASN D 31 16.45 33.75 -56.60
N ALA D 32 15.14 33.69 -56.77
CA ALA D 32 14.24 33.27 -55.71
C ALA D 32 13.88 31.80 -55.82
N ILE D 33 13.74 31.15 -54.66
CA ILE D 33 13.36 29.75 -54.60
C ILE D 33 12.61 29.47 -53.31
N PRO D 34 11.77 28.44 -53.30
CA PRO D 34 11.02 28.11 -52.09
C PRO D 34 12.02 27.62 -51.03
N SER D 35 12.25 28.46 -50.01
CA SER D 35 13.19 28.12 -48.96
C SER D 35 12.90 26.74 -48.37
N GLY D 36 11.64 26.51 -48.04
CA GLY D 36 11.23 25.25 -47.46
C GLY D 36 10.80 25.50 -46.04
N VAL D 37 10.25 26.68 -45.81
CA VAL D 37 9.81 27.09 -44.48
C VAL D 37 8.70 28.12 -44.58
N LEU D 38 7.94 28.24 -43.50
CA LEU D 38 6.83 29.20 -43.41
C LEU D 38 7.24 30.35 -42.50
N LYS D 39 6.65 31.51 -42.74
CA LYS D 39 6.94 32.70 -41.96
C LYS D 39 6.72 32.47 -40.47
N ASP D 40 7.60 33.04 -39.65
CA ASP D 40 7.52 32.92 -38.20
C ASP D 40 6.16 33.27 -37.60
N ASP D 41 5.42 34.13 -38.29
CA ASP D 41 4.10 34.54 -37.79
C ASP D 41 3.04 33.49 -38.12
N VAL D 42 3.24 32.80 -39.25
CA VAL D 42 2.30 31.76 -39.67
C VAL D 42 2.40 30.59 -38.71
N VAL D 43 3.47 29.81 -38.82
CA VAL D 43 3.64 28.65 -37.95
C VAL D 43 3.45 29.00 -36.48
N ALA D 44 3.53 30.29 -36.15
CA ALA D 44 3.34 30.74 -34.78
C ALA D 44 1.86 30.74 -34.44
N ASN D 45 1.05 31.23 -35.39
CA ASN D 45 -0.39 31.26 -35.21
C ASN D 45 -0.93 29.84 -35.31
N ILE D 46 -0.47 29.11 -36.33
CA ILE D 46 -0.88 27.72 -36.54
C ILE D 46 -0.66 26.91 -35.27
N GLU D 47 0.49 27.10 -34.63
CA GLU D 47 0.81 26.39 -33.40
C GLU D 47 -0.25 26.77 -32.39
N GLU D 48 -0.58 28.06 -32.35
CA GLU D 48 -1.59 28.58 -31.45
C GLU D 48 -2.94 27.94 -31.77
N GLN D 49 -3.22 27.77 -33.06
CA GLN D 49 -4.49 27.18 -33.49
C GLN D 49 -4.68 25.74 -33.06
N ALA D 50 -4.16 24.78 -33.83
CA ALA D 50 -4.31 23.35 -33.51
C ALA D 50 -4.16 22.99 -32.03
N LYS D 51 -3.51 23.85 -31.26
CA LYS D 51 -3.33 23.63 -29.83
C LYS D 51 -4.68 23.90 -29.16
N ALA D 52 -5.28 25.05 -29.49
CA ALA D 52 -6.58 25.45 -28.94
C ALA D 52 -7.67 24.56 -29.55
N ALA D 53 -7.25 23.68 -30.45
CA ALA D 53 -8.15 22.75 -31.11
C ALA D 53 -8.14 21.45 -30.31
N GLY D 54 -7.60 21.54 -29.11
CA GLY D 54 -7.54 20.40 -28.23
C GLY D 54 -8.19 20.88 -26.96
N GLU D 55 -7.90 22.13 -26.60
CA GLU D 55 -8.47 22.72 -25.40
C GLU D 55 -9.88 23.16 -25.75
N GLU D 56 -10.38 22.62 -26.86
CA GLU D 56 -11.73 22.91 -27.33
C GLU D 56 -12.52 21.60 -27.44
N ALA D 57 -11.83 20.51 -27.79
CA ALA D 57 -12.46 19.20 -27.89
C ALA D 57 -12.34 18.52 -26.54
N LYS D 58 -11.26 18.83 -25.81
CA LYS D 58 -11.06 18.25 -24.49
C LYS D 58 -12.14 18.82 -23.58
N GLN D 59 -12.48 20.09 -23.79
CA GLN D 59 -13.50 20.77 -22.99
C GLN D 59 -14.90 20.54 -23.60
N GLN D 60 -14.98 19.53 -24.47
CA GLN D 60 -16.22 19.15 -25.14
C GLN D 60 -16.37 17.64 -24.97
N ALA D 61 -15.31 16.92 -25.31
CA ALA D 61 -15.30 15.47 -25.19
C ALA D 61 -15.75 15.10 -23.80
N ILE D 62 -15.42 15.97 -22.84
CA ILE D 62 -15.80 15.74 -21.45
C ILE D 62 -17.33 15.83 -21.30
N GLU D 63 -18.03 15.40 -22.34
CA GLU D 63 -19.49 15.37 -22.34
C GLU D 63 -19.93 13.93 -22.22
N ASN D 64 -19.82 13.42 -20.99
CA ASN D 64 -20.19 12.04 -20.68
C ASN D 64 -19.54 11.05 -21.65
N PHE E 2 -36.18 -42.01 34.60
CA PHE E 2 -36.47 -43.15 33.68
C PHE E 2 -36.25 -42.78 32.22
N PHE E 3 -34.98 -42.69 31.82
CA PHE E 3 -34.66 -42.31 30.44
C PHE E 3 -33.39 -42.98 29.93
N ASP E 4 -32.88 -42.46 28.81
CA ASP E 4 -31.65 -42.95 28.21
C ASP E 4 -30.58 -41.91 28.48
N GLU E 5 -29.33 -42.34 28.64
CA GLU E 5 -28.28 -41.38 28.89
C GLU E 5 -28.22 -40.42 27.72
N LEU E 6 -28.06 -39.13 28.00
CA LEU E 6 -28.01 -38.10 26.96
C LEU E 6 -26.82 -38.26 26.02
N LYS E 7 -26.87 -37.62 24.85
CA LYS E 7 -25.77 -37.71 23.89
C LYS E 7 -26.08 -36.99 22.58
N ILE E 8 -25.30 -35.96 22.27
CA ILE E 8 -25.51 -35.19 21.04
C ILE E 8 -25.01 -35.97 19.83
N ASP E 9 -25.91 -36.25 18.89
CA ASP E 9 -25.56 -37.01 17.70
C ASP E 9 -24.32 -36.44 17.05
N ASN E 10 -23.58 -37.28 16.33
CA ASN E 10 -22.36 -36.84 15.66
C ASN E 10 -22.65 -35.98 14.44
N LYS E 11 -23.36 -36.53 13.46
CA LYS E 11 -23.71 -35.79 12.25
C LYS E 11 -24.37 -34.47 12.62
N VAL E 12 -23.93 -33.37 12.04
CA VAL E 12 -24.54 -32.07 12.34
C VAL E 12 -25.35 -31.53 11.16
N ASP E 13 -26.26 -30.61 11.45
CA ASP E 13 -27.10 -30.01 10.42
C ASP E 13 -26.74 -28.54 10.20
N ILE E 14 -25.98 -28.28 9.15
CA ILE E 14 -25.58 -26.90 8.85
C ILE E 14 -26.74 -26.05 8.36
N ILE E 15 -27.15 -25.09 9.18
CA ILE E 15 -28.24 -24.18 8.87
C ILE E 15 -28.20 -23.83 7.38
N GLY E 16 -27.01 -23.90 6.80
CA GLY E 16 -26.81 -23.60 5.39
C GLY E 16 -27.53 -24.51 4.40
N ASN E 17 -26.75 -25.21 3.59
CA ASN E 17 -27.32 -26.11 2.58
C ASN E 17 -28.05 -27.31 3.17
N ASN E 18 -28.46 -27.19 4.43
CA ASN E 18 -29.21 -28.24 5.13
C ASN E 18 -28.64 -29.66 5.18
N VAL E 19 -27.80 -30.05 4.22
CA VAL E 19 -27.23 -31.39 4.20
C VAL E 19 -26.74 -31.77 5.61
N ARG E 20 -27.04 -33.00 6.02
CA ARG E 20 -26.65 -33.48 7.35
C ARG E 20 -25.39 -34.34 7.28
N GLY E 21 -24.29 -33.78 7.78
CA GLY E 21 -23.02 -34.49 7.77
C GLY E 21 -22.18 -34.05 8.96
N GLU E 22 -20.88 -34.35 8.92
CA GLU E 22 -20.02 -33.97 10.02
C GLU E 22 -19.17 -32.77 9.67
N LEU E 23 -19.21 -31.75 10.53
CA LEU E 23 -18.46 -30.51 10.36
C LEU E 23 -17.22 -30.67 9.50
N PRO E 24 -17.03 -29.79 8.50
CA PRO E 24 -15.91 -29.77 7.56
C PRO E 24 -14.61 -29.12 8.04
N ASN E 25 -13.50 -29.60 7.50
CA ASN E 25 -12.18 -29.07 7.85
C ASN E 25 -12.16 -27.55 7.69
N ILE E 26 -12.65 -27.11 6.54
CA ILE E 26 -12.71 -25.69 6.11
C ILE E 26 -13.95 -24.92 6.60
N TRP E 27 -13.73 -23.78 7.24
CA TRP E 27 -14.86 -23.02 7.77
C TRP E 27 -15.15 -21.68 7.15
N LEU E 28 -16.39 -21.23 7.34
CA LEU E 28 -16.87 -19.94 6.87
C LEU E 28 -17.30 -19.18 8.12
N GLN E 29 -16.48 -18.22 8.55
CA GLN E 29 -16.82 -17.46 9.75
C GLN E 29 -18.32 -17.23 9.79
N TYR E 30 -18.89 -17.29 10.99
CA TYR E 30 -20.33 -17.10 11.20
C TYR E 30 -21.20 -18.11 10.46
N GLY E 31 -20.59 -19.11 9.84
CA GLY E 31 -21.36 -20.14 9.14
C GLY E 31 -22.24 -20.80 10.18
N GLN E 32 -22.97 -21.85 9.85
CA GLN E 32 -23.82 -22.47 10.89
C GLN E 32 -24.14 -23.94 10.79
N PHE E 33 -24.26 -24.57 11.97
CA PHE E 33 -24.59 -25.98 12.10
C PHE E 33 -25.57 -26.15 13.27
N LYS E 34 -26.50 -27.09 13.12
CA LYS E 34 -27.52 -27.35 14.13
C LYS E 34 -27.21 -28.67 14.84
N LEU E 35 -27.22 -28.64 16.17
CA LEU E 35 -26.94 -29.82 16.97
C LEU E 35 -28.13 -30.37 17.72
N LYS E 36 -28.30 -31.69 17.63
CA LYS E 36 -29.40 -32.42 18.25
C LYS E 36 -28.98 -33.19 19.50
N ALA E 37 -29.96 -33.50 20.34
CA ALA E 37 -29.69 -34.27 21.55
C ALA E 37 -30.76 -35.36 21.71
N SER E 38 -30.33 -36.62 21.55
CA SER E 38 -31.23 -37.76 21.69
C SER E 38 -30.89 -38.50 22.97
N GLY E 39 -31.92 -38.99 23.65
CA GLY E 39 -31.70 -39.70 24.89
C GLY E 39 -31.71 -38.73 26.05
N GLY E 40 -32.45 -39.08 27.10
CA GLY E 40 -32.53 -38.22 28.26
C GLY E 40 -33.72 -37.29 28.15
N ASP E 41 -34.22 -36.85 29.30
CA ASP E 41 -35.37 -35.95 29.39
C ASP E 41 -36.09 -35.68 28.06
N GLY E 42 -36.13 -34.40 27.68
CA GLY E 42 -36.77 -34.01 26.43
C GLY E 42 -36.31 -32.58 26.15
N THR E 43 -36.18 -31.82 27.22
CA THR E 43 -35.73 -30.44 27.15
C THR E 43 -34.20 -30.48 27.01
N TYR E 44 -33.61 -29.41 26.51
CA TYR E 44 -32.15 -29.35 26.35
C TYR E 44 -31.62 -27.93 26.53
N SER E 45 -30.49 -27.82 27.21
CA SER E 45 -29.86 -26.53 27.46
C SER E 45 -28.43 -26.56 26.92
N TRP E 46 -28.11 -25.64 26.03
CA TRP E 46 -26.76 -25.59 25.46
C TRP E 46 -25.84 -24.51 26.02
N TYR E 47 -24.55 -24.67 25.75
CA TYR E 47 -23.53 -23.77 26.24
C TYR E 47 -22.23 -24.10 25.50
N SER E 48 -21.26 -23.17 25.52
CA SER E 48 -19.97 -23.38 24.87
C SER E 48 -18.86 -22.80 25.72
N GLU E 49 -17.76 -23.55 25.81
CA GLU E 49 -16.61 -23.14 26.60
C GLU E 49 -16.14 -21.74 26.26
N ASN E 50 -15.71 -21.56 25.01
CA ASN E 50 -15.23 -20.27 24.52
C ASN E 50 -16.18 -19.67 23.49
N THR E 51 -16.87 -18.61 23.89
CA THR E 51 -17.84 -17.92 23.03
C THR E 51 -17.18 -17.22 21.85
N SER E 52 -15.86 -17.01 21.92
CA SER E 52 -15.15 -16.35 20.85
C SER E 52 -14.75 -17.29 19.72
N ILE E 53 -14.93 -18.59 19.92
CA ILE E 53 -14.62 -19.57 18.90
C ILE E 53 -15.93 -20.23 18.45
N ALA E 54 -17.00 -19.94 19.16
CA ALA E 54 -18.32 -20.47 18.85
C ALA E 54 -19.39 -19.92 19.79
N THR E 55 -20.65 -20.05 19.38
CA THR E 55 -21.79 -19.55 20.15
C THR E 55 -23.03 -20.40 19.82
N VAL E 56 -24.06 -20.35 20.65
CA VAL E 56 -25.26 -21.12 20.37
C VAL E 56 -26.47 -20.80 21.25
N ASP E 57 -27.65 -20.89 20.64
CA ASP E 57 -28.90 -20.61 21.34
C ASP E 57 -29.67 -21.91 21.60
N ALA E 58 -30.61 -21.82 22.55
CA ALA E 58 -31.44 -22.95 22.93
C ALA E 58 -32.16 -23.60 21.75
N SER E 59 -31.46 -24.47 21.03
CA SER E 59 -32.06 -25.16 19.90
C SER E 59 -31.05 -26.04 19.17
N GLY E 60 -29.78 -25.63 19.22
CA GLY E 60 -28.74 -26.41 18.55
C GLY E 60 -28.10 -25.65 17.41
N LYS E 61 -28.56 -24.42 17.20
CA LYS E 61 -28.03 -23.58 16.14
C LYS E 61 -26.80 -22.89 16.71
N VAL E 62 -25.63 -23.23 16.18
CA VAL E 62 -24.37 -22.62 16.62
C VAL E 62 -23.82 -21.73 15.49
N THR E 63 -23.03 -20.73 15.85
CA THR E 63 -22.47 -19.81 14.87
C THR E 63 -21.06 -19.36 15.24
N LEU E 64 -20.06 -19.99 14.62
CA LEU E 64 -18.64 -19.68 14.87
C LEU E 64 -18.31 -18.20 14.81
N ASN E 65 -17.39 -17.75 15.66
CA ASN E 65 -16.99 -16.35 15.69
C ASN E 65 -15.51 -16.12 15.50
N GLY E 66 -14.77 -17.21 15.29
CA GLY E 66 -13.34 -17.14 15.07
C GLY E 66 -12.78 -18.51 14.79
N LYS E 67 -11.46 -18.59 14.59
CA LYS E 67 -10.83 -19.86 14.34
C LYS E 67 -10.42 -20.42 15.70
N GLY E 68 -10.32 -21.74 15.79
CA GLY E 68 -9.95 -22.36 17.04
C GLY E 68 -10.75 -23.62 17.30
N SER E 69 -10.63 -24.13 18.52
CA SER E 69 -11.36 -25.33 18.91
C SER E 69 -12.15 -24.94 20.14
N VAL E 70 -13.29 -25.59 20.36
CA VAL E 70 -14.09 -25.26 21.53
C VAL E 70 -15.09 -26.35 21.86
N VAL E 71 -15.61 -26.32 23.09
CA VAL E 71 -16.59 -27.29 23.54
C VAL E 71 -17.90 -26.64 23.92
N ILE E 72 -18.95 -27.14 23.28
CA ILE E 72 -20.31 -26.70 23.49
C ILE E 72 -20.97 -27.93 24.08
N LYS E 73 -21.47 -27.83 25.31
CA LYS E 73 -22.07 -29.00 25.96
C LYS E 73 -23.58 -28.94 26.26
N ALA E 74 -24.29 -30.02 25.93
CA ALA E 74 -25.72 -30.11 26.19
C ALA E 74 -26.04 -30.60 27.61
N THR E 75 -27.02 -29.97 28.26
CA THR E 75 -27.41 -30.34 29.61
C THR E 75 -28.92 -30.51 29.65
N SER E 76 -29.38 -31.75 29.53
CA SER E 76 -30.81 -32.07 29.52
C SER E 76 -31.51 -31.82 30.87
N GLY E 77 -32.84 -31.68 30.80
CA GLY E 77 -33.64 -31.42 31.98
C GLY E 77 -33.29 -32.28 33.17
N ASP E 78 -33.30 -33.60 32.96
CA ASP E 78 -32.96 -34.54 34.03
C ASP E 78 -31.47 -34.43 34.35
N LYS E 79 -30.93 -33.21 34.30
CA LYS E 79 -29.52 -32.93 34.56
C LYS E 79 -28.44 -33.91 34.04
N GLN E 80 -28.29 -33.99 32.72
CA GLN E 80 -27.29 -34.83 32.08
C GLN E 80 -26.47 -33.93 31.17
N THR E 81 -25.22 -33.69 31.52
CA THR E 81 -24.36 -32.82 30.74
C THR E 81 -23.43 -33.60 29.79
N VAL E 82 -23.62 -33.39 28.49
CA VAL E 82 -22.81 -34.05 27.47
C VAL E 82 -22.10 -33.03 26.58
N SER E 83 -20.77 -33.02 26.64
CA SER E 83 -19.94 -32.10 25.85
C SER E 83 -19.69 -32.47 24.39
N TYR E 84 -19.56 -31.43 23.57
CA TYR E 84 -19.28 -31.56 22.15
C TYR E 84 -18.10 -30.69 21.71
N THR E 85 -17.15 -31.37 21.09
CA THR E 85 -15.91 -30.78 20.60
C THR E 85 -16.06 -30.13 19.25
N ILE E 86 -15.29 -29.06 19.06
CA ILE E 86 -15.25 -28.32 17.82
C ILE E 86 -13.77 -28.33 17.43
N LYS E 87 -13.35 -29.35 16.69
CA LYS E 87 -11.96 -29.44 16.29
C LYS E 87 -11.62 -28.43 15.20
N ALA E 88 -10.85 -27.42 15.59
CA ALA E 88 -10.43 -26.32 14.70
C ALA E 88 -10.28 -26.70 13.22
N PRO E 89 -10.55 -25.73 12.34
CA PRO E 89 -10.47 -25.87 10.89
C PRO E 89 -9.05 -25.83 10.36
N SER E 90 -8.90 -26.09 9.07
CA SER E 90 -7.58 -26.02 8.43
C SER E 90 -7.38 -24.53 8.20
N TYR E 91 -8.49 -23.86 7.88
CA TYR E 91 -8.50 -22.45 7.62
C TYR E 91 -9.94 -21.94 7.57
N MET E 92 -10.21 -20.83 8.22
CA MET E 92 -11.55 -20.27 8.22
C MET E 92 -11.46 -18.95 7.49
N ILE E 93 -12.50 -18.60 6.77
CA ILE E 93 -12.53 -17.35 6.02
C ILE E 93 -13.16 -16.23 6.86
N LYS E 94 -12.60 -15.02 6.77
CA LYS E 94 -13.10 -13.87 7.52
C LYS E 94 -13.27 -12.65 6.61
N VAL E 95 -14.51 -12.19 6.47
CA VAL E 95 -14.82 -11.03 5.62
C VAL E 95 -14.67 -9.68 6.31
N ASP E 96 -13.86 -8.81 5.71
CA ASP E 96 -13.61 -7.47 6.23
C ASP E 96 -14.49 -6.45 5.52
N LYS E 97 -13.89 -5.72 4.59
CA LYS E 97 -14.54 -4.68 3.78
C LYS E 97 -14.35 -5.00 2.30
N GLN E 98 -14.79 -4.09 1.45
CA GLN E 98 -14.61 -4.25 0.02
C GLN E 98 -13.66 -3.12 -0.38
N ALA E 99 -12.77 -3.41 -1.31
CA ALA E 99 -11.81 -2.41 -1.76
C ALA E 99 -10.91 -2.98 -2.85
N TYR E 100 -10.12 -2.10 -3.48
CA TYR E 100 -9.23 -2.50 -4.56
C TYR E 100 -8.28 -3.60 -4.12
N TYR E 101 -8.10 -4.59 -4.99
CA TYR E 101 -7.20 -5.70 -4.71
C TYR E 101 -6.00 -5.22 -3.91
N ALA E 102 -5.45 -4.08 -4.31
CA ALA E 102 -4.30 -3.47 -3.64
C ALA E 102 -4.46 -3.55 -2.13
N ASP E 103 -5.26 -2.62 -1.58
CA ASP E 103 -5.50 -2.57 -0.15
C ASP E 103 -6.30 -3.78 0.34
N ALA E 104 -6.80 -4.58 -0.60
CA ALA E 104 -7.59 -5.77 -0.28
C ALA E 104 -6.66 -6.97 -0.11
N MET E 105 -5.38 -6.71 -0.30
CA MET E 105 -4.34 -7.71 -0.16
C MET E 105 -3.53 -7.17 1.01
N SER E 106 -3.82 -5.93 1.34
CA SER E 106 -3.17 -5.24 2.45
C SER E 106 -3.91 -5.62 3.70
N ILE E 107 -5.23 -5.39 3.69
CA ILE E 107 -6.04 -5.74 4.85
C ILE E 107 -5.86 -7.21 5.17
N CYS E 108 -6.10 -8.08 4.19
CA CYS E 108 -5.96 -9.53 4.38
C CYS E 108 -4.48 -9.97 4.43
N LYS E 109 -3.60 -9.03 4.74
CA LYS E 109 -2.17 -9.28 4.84
C LYS E 109 -1.71 -10.54 4.11
N ASN E 110 -1.52 -10.43 2.80
CA ASN E 110 -1.07 -11.52 1.94
C ASN E 110 -2.04 -12.69 1.91
N LEU E 111 -2.76 -12.87 3.01
CA LEU E 111 -3.73 -13.96 3.14
C LEU E 111 -4.98 -13.68 2.36
N LEU E 112 -5.28 -14.55 1.42
CA LEU E 112 -6.48 -14.43 0.62
C LEU E 112 -6.48 -15.45 -0.48
N PRO E 113 -7.66 -16.00 -0.76
CA PRO E 113 -7.92 -17.02 -1.77
C PRO E 113 -6.76 -17.29 -2.73
N SER E 114 -5.78 -18.05 -2.27
CA SER E 114 -4.64 -18.37 -3.10
C SER E 114 -5.02 -19.05 -4.42
N THR E 115 -6.32 -19.27 -4.63
CA THR E 115 -6.76 -19.91 -5.87
C THR E 115 -8.28 -20.06 -6.02
N GLN E 116 -8.68 -20.55 -7.19
CA GLN E 116 -10.09 -20.79 -7.53
C GLN E 116 -10.72 -21.72 -6.50
N THR E 117 -10.15 -22.90 -6.39
CA THR E 117 -10.62 -23.92 -5.48
C THR E 117 -10.89 -23.46 -4.03
N VAL E 118 -9.97 -22.73 -3.41
CA VAL E 118 -10.15 -22.29 -2.02
C VAL E 118 -11.58 -21.93 -1.62
N LEU E 119 -12.12 -20.85 -2.15
CA LEU E 119 -13.48 -20.45 -1.82
C LEU E 119 -14.55 -21.32 -2.48
N SER E 120 -14.09 -22.24 -3.34
CA SER E 120 -14.98 -23.15 -4.03
C SER E 120 -15.43 -24.28 -3.10
N ASP E 121 -14.61 -24.60 -2.12
CA ASP E 121 -14.94 -25.66 -1.19
C ASP E 121 -15.76 -25.07 -0.05
N ILE E 122 -15.57 -23.78 0.22
CA ILE E 122 -16.31 -23.09 1.26
C ILE E 122 -17.75 -22.96 0.78
N TYR E 123 -18.04 -23.63 -0.32
CA TYR E 123 -19.37 -23.60 -0.91
C TYR E 123 -19.88 -25.03 -0.94
N ASP E 124 -19.06 -25.94 -1.47
CA ASP E 124 -19.43 -27.34 -1.55
C ASP E 124 -19.43 -27.95 -0.16
N SER E 125 -19.38 -27.07 0.86
CA SER E 125 -19.36 -27.48 2.26
C SER E 125 -20.33 -26.67 3.12
N TRP E 126 -20.64 -25.45 2.69
CA TRP E 126 -21.55 -24.60 3.45
C TRP E 126 -22.62 -23.95 2.58
N GLY E 127 -22.46 -24.01 1.27
CA GLY E 127 -23.44 -23.43 0.37
C GLY E 127 -23.37 -21.92 0.22
N ALA E 128 -24.54 -21.30 0.10
CA ALA E 128 -24.64 -19.85 -0.05
C ALA E 128 -24.41 -19.19 1.30
N ALA E 129 -23.79 -18.02 1.28
CA ALA E 129 -23.48 -17.32 2.53
C ALA E 129 -24.58 -16.38 3.05
N ASN E 130 -25.67 -16.25 2.31
CA ASN E 130 -26.73 -15.36 2.73
C ASN E 130 -27.65 -16.08 3.71
N LYS E 131 -27.34 -17.34 3.97
CA LYS E 131 -28.16 -18.14 4.87
C LYS E 131 -27.63 -18.15 6.30
N TYR E 132 -27.19 -17.00 6.79
CA TYR E 132 -26.67 -16.92 8.15
C TYR E 132 -26.95 -15.57 8.81
N SER E 133 -26.75 -15.50 10.12
CA SER E 133 -27.01 -14.27 10.88
C SER E 133 -26.34 -13.00 10.35
N HIS E 134 -25.03 -13.02 10.21
CA HIS E 134 -24.26 -11.87 9.72
C HIS E 134 -24.26 -11.77 8.19
N TYR E 135 -25.32 -12.23 7.55
CA TYR E 135 -25.42 -12.20 6.08
C TYR E 135 -26.86 -12.00 5.66
N SER E 136 -27.41 -12.98 4.95
CA SER E 136 -28.79 -12.97 4.46
C SER E 136 -29.29 -11.65 3.87
N SER E 137 -29.40 -10.60 4.69
CA SER E 137 -29.83 -9.30 4.20
C SER E 137 -28.88 -8.93 3.08
N MET E 138 -27.86 -9.76 2.90
CA MET E 138 -26.87 -9.57 1.84
C MET E 138 -27.29 -10.45 0.67
N ASN E 139 -27.10 -9.93 -0.54
CA ASN E 139 -27.48 -10.61 -1.77
C ASN E 139 -26.28 -11.05 -2.60
N SER E 140 -25.31 -10.15 -2.74
CA SER E 140 -24.09 -10.44 -3.49
C SER E 140 -22.85 -10.18 -2.68
N ILE E 141 -21.87 -11.06 -2.91
CA ILE E 141 -20.59 -11.00 -2.24
C ILE E 141 -19.56 -11.72 -3.12
N THR E 142 -18.89 -10.94 -3.98
CA THR E 142 -17.86 -11.48 -4.89
C THR E 142 -16.54 -11.31 -4.14
N ALA E 143 -15.60 -12.23 -4.37
CA ALA E 143 -14.32 -12.14 -3.67
C ALA E 143 -13.09 -11.92 -4.54
N TRP E 144 -12.01 -11.45 -3.91
CA TRP E 144 -10.73 -11.22 -4.57
C TRP E 144 -9.99 -12.56 -4.60
N ILE E 145 -9.13 -12.78 -5.59
CA ILE E 145 -8.46 -14.07 -5.68
C ILE E 145 -6.98 -14.08 -6.09
N LYS E 146 -6.18 -13.09 -5.67
CA LYS E 146 -4.75 -13.11 -6.01
C LYS E 146 -4.50 -12.98 -7.52
N GLN E 147 -3.43 -12.28 -7.90
CA GLN E 147 -3.08 -12.11 -9.32
C GLN E 147 -2.18 -13.24 -9.86
N THR E 148 -2.59 -13.91 -10.93
CA THR E 148 -1.75 -14.98 -11.49
C THR E 148 -0.53 -14.33 -12.15
N SER E 149 0.37 -15.16 -12.67
CA SER E 149 1.56 -14.64 -13.34
C SER E 149 1.13 -13.54 -14.28
N SER E 150 0.15 -13.87 -15.12
CA SER E 150 -0.40 -12.94 -16.11
C SER E 150 -1.12 -11.77 -15.46
N GLU E 151 -2.27 -12.06 -14.85
CA GLU E 151 -3.09 -11.06 -14.18
C GLU E 151 -2.19 -10.02 -13.55
N GLN E 152 -1.05 -10.50 -13.05
CA GLN E 152 -0.07 -9.64 -12.40
C GLN E 152 0.11 -8.39 -13.25
N ARG E 153 0.30 -8.62 -14.55
CA ARG E 153 0.53 -7.58 -15.54
C ARG E 153 -0.72 -6.77 -15.95
N SER E 154 -1.70 -7.46 -16.51
CA SER E 154 -2.94 -6.85 -16.99
C SER E 154 -3.70 -5.97 -16.00
N GLY E 155 -3.13 -5.73 -14.83
CA GLY E 155 -3.80 -4.91 -13.83
C GLY E 155 -5.10 -5.54 -13.38
N VAL E 156 -5.19 -6.87 -13.48
CA VAL E 156 -6.39 -7.58 -13.10
C VAL E 156 -6.17 -8.69 -12.07
N SER E 157 -7.25 -9.41 -11.80
CA SER E 157 -7.29 -10.54 -10.87
C SER E 157 -8.64 -11.22 -11.03
N SER E 158 -8.75 -12.48 -10.58
CA SER E 158 -9.99 -13.25 -10.70
C SER E 158 -10.98 -13.02 -9.55
N THR E 159 -12.14 -13.67 -9.62
CA THR E 159 -13.15 -13.58 -8.57
C THR E 159 -13.97 -14.85 -8.41
N TYR E 160 -14.83 -14.83 -7.40
CA TYR E 160 -15.72 -15.93 -7.07
C TYR E 160 -16.68 -15.44 -6.01
N ASN E 161 -17.90 -15.11 -6.41
CA ASN E 161 -18.89 -14.65 -5.46
C ASN E 161 -19.17 -15.85 -4.58
N LEU E 162 -19.45 -15.59 -3.31
CA LEU E 162 -19.74 -16.67 -2.38
C LEU E 162 -21.18 -17.09 -2.56
N ILE E 163 -22.06 -16.19 -2.20
CA ILE E 163 -23.51 -16.37 -2.28
C ILE E 163 -23.93 -17.05 -3.58
N THR E 164 -23.27 -16.65 -4.66
CA THR E 164 -23.63 -17.14 -5.99
C THR E 164 -22.55 -17.84 -6.81
N GLN E 165 -21.38 -18.09 -6.23
CA GLN E 165 -20.31 -18.70 -6.99
C GLN E 165 -19.86 -17.65 -8.00
N ASN E 166 -20.43 -17.71 -9.20
CA ASN E 166 -20.15 -16.76 -10.27
C ASN E 166 -18.68 -16.41 -10.46
N PRO E 167 -17.89 -17.32 -11.07
CA PRO E 167 -16.47 -17.09 -11.30
C PRO E 167 -16.23 -16.22 -12.54
N LEU E 168 -15.60 -15.07 -12.35
CA LEU E 168 -15.32 -14.17 -13.46
C LEU E 168 -13.83 -14.00 -13.64
N PRO E 169 -13.35 -14.00 -14.90
CA PRO E 169 -11.92 -13.84 -15.16
C PRO E 169 -11.48 -12.41 -14.83
N GLY E 170 -10.31 -12.01 -15.36
CA GLY E 170 -9.78 -10.68 -15.11
C GLY E 170 -10.75 -9.59 -14.67
N VAL E 171 -10.36 -8.87 -13.62
CA VAL E 171 -11.18 -7.79 -13.08
C VAL E 171 -10.37 -6.53 -12.81
N ASN E 172 -11.02 -5.38 -12.99
CA ASN E 172 -10.36 -4.11 -12.72
C ASN E 172 -9.97 -4.21 -11.25
N VAL E 173 -8.68 -4.32 -10.98
CA VAL E 173 -8.19 -4.43 -9.61
C VAL E 173 -8.44 -3.16 -8.77
N ASN E 174 -9.49 -2.43 -9.11
CA ASN E 174 -9.86 -1.21 -8.40
C ASN E 174 -11.38 -1.01 -8.44
N THR E 175 -12.10 -2.00 -8.93
CA THR E 175 -13.55 -1.92 -9.01
C THR E 175 -14.20 -1.92 -7.65
N PRO E 176 -14.97 -0.87 -7.33
CA PRO E 176 -15.63 -0.81 -6.04
C PRO E 176 -16.63 -1.96 -5.91
N ASN E 177 -17.15 -2.16 -4.70
CA ASN E 177 -18.13 -3.20 -4.45
C ASN E 177 -17.58 -4.62 -4.38
N VAL E 178 -16.27 -4.80 -4.45
CA VAL E 178 -15.69 -6.14 -4.36
C VAL E 178 -15.16 -6.43 -2.96
N TYR E 179 -15.54 -7.59 -2.44
CA TYR E 179 -15.17 -8.00 -1.10
C TYR E 179 -13.77 -8.52 -0.90
N ALA E 180 -13.18 -8.11 0.22
CA ALA E 180 -11.84 -8.49 0.63
C ALA E 180 -11.92 -9.68 1.58
N VAL E 181 -11.67 -10.88 1.04
CA VAL E 181 -11.74 -12.10 1.83
C VAL E 181 -10.37 -12.60 2.30
N CYS E 182 -10.20 -12.67 3.62
CA CYS E 182 -8.97 -13.13 4.27
C CYS E 182 -8.95 -14.63 4.49
N VAL E 183 -7.81 -15.19 4.85
CA VAL E 183 -7.76 -16.63 5.04
C VAL E 183 -6.92 -17.10 6.20
N GLU E 184 -7.52 -17.17 7.39
CA GLU E 184 -6.82 -17.64 8.58
C GLU E 184 -6.73 -19.15 8.58
N ALA F 2 3.42 13.80 -33.37
CA ALA F 2 3.76 13.05 -34.63
C ALA F 2 2.58 12.33 -35.32
N THR F 3 2.89 11.18 -35.90
CA THR F 3 1.92 10.32 -36.59
C THR F 3 1.52 9.26 -35.57
N GLU F 4 2.20 9.29 -34.42
CA GLU F 4 1.96 8.37 -33.33
C GLU F 4 0.54 8.59 -32.87
N THR F 5 0.25 9.81 -32.45
CA THR F 5 -1.08 10.15 -31.95
C THR F 5 -2.15 9.41 -32.73
N ALA F 6 -2.01 9.40 -34.06
CA ALA F 6 -2.99 8.74 -34.92
C ALA F 6 -3.07 7.25 -34.63
N THR F 7 -1.98 6.52 -34.86
CA THR F 7 -1.96 5.08 -34.63
C THR F 7 -2.25 4.72 -33.16
N ARG F 8 -2.07 5.70 -32.27
CA ARG F 8 -2.34 5.50 -30.86
C ARG F 8 -3.86 5.38 -30.79
N ASP F 9 -4.51 6.54 -30.85
CA ASP F 9 -5.97 6.65 -30.80
C ASP F 9 -6.76 5.71 -31.73
N GLN F 10 -6.10 5.04 -32.65
CA GLN F 10 -6.84 4.14 -33.52
C GLN F 10 -6.78 2.69 -33.03
N LEU F 11 -5.65 2.30 -32.44
CA LEU F 11 -5.48 0.95 -31.93
C LEU F 11 -6.19 0.80 -30.58
N THR F 12 -6.66 1.91 -30.06
CA THR F 12 -7.39 1.95 -28.82
C THR F 12 -8.81 1.51 -29.18
N LYS F 13 -9.47 2.30 -30.01
CA LYS F 13 -10.83 1.99 -30.46
C LYS F 13 -10.82 0.59 -31.08
N GLU F 14 -9.63 0.17 -31.48
CA GLU F 14 -9.43 -1.13 -32.10
C GLU F 14 -9.40 -2.24 -31.03
N ALA F 15 -8.68 -1.98 -29.93
CA ALA F 15 -8.59 -2.96 -28.85
C ALA F 15 -9.95 -3.05 -28.19
N PHE F 16 -10.52 -1.89 -27.92
CA PHE F 16 -11.84 -1.75 -27.30
C PHE F 16 -12.95 -2.42 -28.13
N GLN F 17 -12.59 -3.09 -29.23
CA GLN F 17 -13.58 -3.77 -30.09
C GLN F 17 -13.77 -5.23 -29.67
N ASN F 18 -12.75 -5.78 -29.02
CA ASN F 18 -12.83 -7.13 -28.52
C ASN F 18 -12.96 -6.95 -27.01
N PRO F 19 -13.68 -7.84 -26.32
CA PRO F 19 -13.80 -7.62 -24.87
C PRO F 19 -12.59 -8.09 -24.03
N ASP F 20 -11.97 -9.18 -24.47
CA ASP F 20 -10.83 -9.80 -23.81
C ASP F 20 -9.63 -8.87 -23.60
N ASN F 21 -9.78 -7.60 -23.94
CA ASN F 21 -8.72 -6.62 -23.78
C ASN F 21 -9.21 -5.54 -22.83
N GLN F 22 -10.45 -5.68 -22.39
CA GLN F 22 -11.01 -4.68 -21.50
C GLN F 22 -11.19 -5.16 -20.07
N LYS F 23 -10.86 -4.30 -19.11
CA LYS F 23 -11.03 -4.63 -17.70
C LYS F 23 -12.52 -4.76 -17.47
N VAL F 24 -12.89 -5.44 -16.40
CA VAL F 24 -14.30 -5.64 -16.08
C VAL F 24 -14.58 -5.25 -14.63
N ASN F 25 -15.83 -4.90 -14.35
CA ASN F 25 -16.19 -4.49 -13.00
C ASN F 25 -17.39 -5.15 -12.37
N ILE F 26 -17.47 -4.99 -11.04
CA ILE F 26 -18.54 -5.57 -10.25
C ILE F 26 -19.58 -4.51 -9.87
N ASP F 27 -20.79 -4.68 -10.38
CA ASP F 27 -21.89 -3.76 -10.11
C ASP F 27 -22.36 -3.92 -8.68
N GLU F 28 -23.61 -3.53 -8.44
CA GLU F 28 -24.19 -3.62 -7.11
C GLU F 28 -24.25 -5.07 -6.65
N LEU F 29 -24.14 -6.02 -7.57
CA LEU F 29 -24.25 -7.43 -7.18
C LEU F 29 -23.56 -8.52 -8.00
N GLY F 30 -22.23 -8.57 -7.90
CA GLY F 30 -21.43 -9.58 -8.58
C GLY F 30 -21.72 -9.86 -10.04
N ASN F 31 -21.66 -8.82 -10.86
CA ASN F 31 -21.91 -8.92 -12.29
C ASN F 31 -20.88 -8.13 -13.07
N ALA F 32 -20.27 -8.79 -14.06
CA ALA F 32 -19.24 -8.17 -14.91
C ALA F 32 -19.81 -7.04 -15.75
N ILE F 33 -19.12 -5.91 -15.84
CA ILE F 33 -19.61 -4.80 -16.65
C ILE F 33 -18.50 -3.89 -17.17
N PRO F 34 -18.69 -3.36 -18.39
CA PRO F 34 -17.70 -2.46 -18.99
C PRO F 34 -17.14 -1.46 -17.99
N SER F 35 -15.87 -1.65 -17.69
CA SER F 35 -15.13 -0.81 -16.76
C SER F 35 -14.76 0.50 -17.45
N GLY F 36 -14.52 0.40 -18.76
CA GLY F 36 -14.14 1.55 -19.56
C GLY F 36 -12.62 1.67 -19.65
N VAL F 37 -11.95 0.54 -19.55
CA VAL F 37 -10.49 0.51 -19.59
C VAL F 37 -9.94 -0.81 -20.14
N LEU F 38 -8.81 -0.72 -20.84
CA LEU F 38 -8.17 -1.89 -21.42
C LEU F 38 -7.17 -2.41 -20.40
N LYS F 39 -6.78 -3.67 -20.59
CA LYS F 39 -5.82 -4.31 -19.69
C LYS F 39 -4.43 -3.69 -19.87
N ASP F 40 -3.86 -3.22 -18.76
CA ASP F 40 -2.54 -2.60 -18.71
C ASP F 40 -1.50 -3.30 -19.57
N ASP F 41 -1.82 -4.48 -20.08
CA ASP F 41 -0.88 -5.24 -20.89
C ASP F 41 -1.07 -5.09 -22.41
N VAL F 42 -2.29 -4.80 -22.86
CA VAL F 42 -2.51 -4.63 -24.30
C VAL F 42 -2.24 -3.18 -24.66
N VAL F 43 -2.37 -2.30 -23.66
CA VAL F 43 -2.10 -0.88 -23.82
C VAL F 43 -0.56 -0.79 -23.87
N ALA F 44 0.07 -1.97 -23.88
CA ALA F 44 1.52 -2.06 -23.97
C ALA F 44 1.84 -1.76 -25.41
N ASN F 45 1.07 -2.38 -26.30
CA ASN F 45 1.24 -2.20 -27.73
C ASN F 45 0.37 -1.04 -28.22
N ILE F 46 0.06 -0.13 -27.30
CA ILE F 46 -0.72 1.07 -27.58
C ILE F 46 0.34 2.18 -27.59
N GLU F 47 1.56 1.77 -27.27
CA GLU F 47 2.70 2.66 -27.24
C GLU F 47 3.83 1.90 -27.92
N GLU F 48 3.90 0.59 -27.67
CA GLU F 48 4.94 -0.25 -28.27
C GLU F 48 4.80 -0.25 -29.79
N GLN F 49 3.61 0.10 -30.25
CA GLN F 49 3.34 0.14 -31.69
C GLN F 49 3.13 1.55 -32.20
N ALA F 50 2.66 2.45 -31.33
CA ALA F 50 2.40 3.83 -31.70
C ALA F 50 3.68 4.66 -31.84
N LYS F 51 4.66 4.37 -31.01
CA LYS F 51 5.92 5.09 -31.06
C LYS F 51 6.83 4.38 -32.05
N ALA F 52 6.62 3.08 -32.19
CA ALA F 52 7.41 2.25 -33.09
C ALA F 52 7.02 2.51 -34.55
N ALA F 53 5.92 3.23 -34.74
CA ALA F 53 5.46 3.57 -36.08
C ALA F 53 5.83 5.04 -36.29
N GLY F 54 5.99 5.78 -35.18
CA GLY F 54 6.39 7.16 -35.29
C GLY F 54 7.81 7.14 -35.83
N GLU F 55 8.39 5.95 -35.78
CA GLU F 55 9.74 5.66 -36.26
C GLU F 55 9.58 5.12 -37.68
N GLU F 56 8.62 5.69 -38.38
CA GLU F 56 8.29 5.36 -39.77
C GLU F 56 7.79 6.67 -40.37
N ALA F 57 7.63 7.64 -39.48
CA ALA F 57 7.16 8.98 -39.79
C ALA F 57 8.34 9.86 -40.17
N LYS F 58 9.51 9.50 -39.67
CA LYS F 58 10.71 10.27 -39.95
C LYS F 58 11.84 9.34 -40.33
N GLN F 59 11.83 8.14 -39.75
CA GLN F 59 12.87 7.16 -40.03
C GLN F 59 12.66 6.67 -41.46
N GLN F 60 11.55 7.11 -42.06
CA GLN F 60 11.20 6.72 -43.41
C GLN F 60 10.87 7.94 -44.26
N ALA F 61 10.12 8.88 -43.69
CA ALA F 61 9.73 10.09 -44.42
C ALA F 61 10.92 10.76 -45.09
N ILE F 62 12.10 10.64 -44.47
CA ILE F 62 13.31 11.25 -45.03
C ILE F 62 13.63 10.71 -46.42
N GLU F 63 13.00 11.34 -47.41
CA GLU F 63 13.18 11.03 -48.81
C GLU F 63 13.93 12.20 -49.37
N ASN F 64 15.21 12.26 -49.03
CA ASN F 64 16.07 13.35 -49.46
C ASN F 64 15.65 14.59 -48.66
#